data_2ZSG
#
_entry.id   2ZSG
#
_cell.length_a   116.972
_cell.length_b   77.923
_cell.length_c   77.553
_cell.angle_alpha   90.00
_cell.angle_beta   92.44
_cell.angle_gamma   90.00
#
_symmetry.space_group_name_H-M   'C 1 2 1'
#
loop_
_entity.id
_entity.type
_entity.pdbx_description
1 polymer 'Aminopeptidase P, putative'
2 non-polymer 'ZINC ION'
3 non-polymer 'SODIUM ION'
4 non-polymer 'CHLORIDE ION'
5 non-polymer GLYCEROL
6 water water
#
_entity_poly.entity_id   1
_entity_poly.type   'polypeptide(L)'
_entity_poly.pdbx_seq_one_letter_code
;MDRSERLIQLISEEGIDAFLIMNIENSARASSVYFSGFTGSFSIILISENTRLLITDSRYTVQAKQETDFEVREVKGGDF
IDVLKKTVNDLKIKTIALEEERVSLSLFRRISSAFGDRKFIGIDDEVKQMRMVKDEGEIEKIKQAIEISERAFLETVQQI
RAGMTEKEIAALLEYTMRKEGAEGVAFDTIVASGCRSALPHGKASDKVVERGDVIVIDFGATYENYCADITRVVSIGEPS
DEVKEVHSIVLEAQERALKIAKAGVTGKLLDSVAREFIREKGYGEFFGHSLGHGIGLEVHEGPAISFRNDSPLPENVVFT
VEPGIYLEGKFGIRIEEDVVLKEQGCEILTTLPRSIFVV
;
_entity_poly.pdbx_strand_id   A,B
#
# COMPACT_ATOMS: atom_id res chain seq x y z
N MET A 1 -4.10 15.12 -16.35
CA MET A 1 -4.34 16.52 -15.93
C MET A 1 -3.78 16.74 -14.52
N ASP A 2 -3.76 17.99 -14.08
CA ASP A 2 -3.25 18.31 -12.74
C ASP A 2 -3.78 19.65 -12.27
N ARG A 3 -3.57 19.94 -10.98
CA ARG A 3 -4.02 21.18 -10.41
C ARG A 3 -2.84 22.03 -9.91
N SER A 4 -1.78 22.04 -10.71
CA SER A 4 -0.59 22.80 -10.37
C SER A 4 -0.87 24.31 -10.46
N GLU A 5 -1.81 24.67 -11.33
CA GLU A 5 -2.16 26.08 -11.50
C GLU A 5 -2.65 26.72 -10.21
N ARG A 6 -3.60 26.08 -9.54
CA ARG A 6 -4.13 26.63 -8.30
C ARG A 6 -3.07 26.62 -7.21
N LEU A 7 -2.12 25.68 -7.32
CA LEU A 7 -1.04 25.59 -6.35
C LEU A 7 -0.14 26.82 -6.52
N ILE A 8 0.19 27.12 -7.78
CA ILE A 8 1.03 28.28 -8.07
C ILE A 8 0.37 29.54 -7.55
N GLN A 9 -0.95 29.63 -7.72
CA GLN A 9 -1.69 30.78 -7.26
C GLN A 9 -1.57 30.87 -5.74
N LEU A 10 -1.64 29.71 -5.09
CA LEU A 10 -1.54 29.62 -3.64
C LEU A 10 -0.20 30.14 -3.09
N ILE A 11 0.91 29.61 -3.58
CA ILE A 11 2.21 30.04 -3.10
C ILE A 11 2.55 31.47 -3.49
N SER A 12 2.13 31.89 -4.70
CA SER A 12 2.41 33.24 -5.17
CA SER A 12 2.41 33.24 -5.17
C SER A 12 1.76 34.28 -4.27
N GLU A 13 0.60 33.96 -3.71
CA GLU A 13 -0.11 34.88 -2.83
C GLU A 13 0.67 35.17 -1.56
N GLU A 14 1.58 34.27 -1.21
CA GLU A 14 2.38 34.41 0.00
C GLU A 14 3.86 34.68 -0.31
N GLY A 15 4.16 34.88 -1.59
CA GLY A 15 5.53 35.16 -2.00
C GLY A 15 6.46 33.97 -1.98
N ILE A 16 5.92 32.77 -1.92
CA ILE A 16 6.73 31.56 -1.90
C ILE A 16 7.12 31.20 -3.34
N ASP A 17 8.40 30.92 -3.56
CA ASP A 17 8.90 30.63 -4.90
C ASP A 17 8.51 29.29 -5.50
N ALA A 18 8.50 28.23 -4.70
CA ALA A 18 8.16 26.92 -5.24
C ALA A 18 7.62 25.93 -4.23
N PHE A 19 7.04 24.86 -4.75
CA PHE A 19 6.48 23.80 -3.93
C PHE A 19 7.24 22.53 -4.28
N LEU A 20 7.71 21.83 -3.26
CA LEU A 20 8.47 20.60 -3.47
C LEU A 20 7.73 19.41 -2.87
N ILE A 21 7.51 18.39 -3.71
CA ILE A 21 6.84 17.17 -3.28
C ILE A 21 7.88 16.07 -3.37
N MET A 22 8.04 15.31 -2.31
CA MET A 22 9.00 14.21 -2.31
C MET A 22 8.26 12.90 -2.08
N ASN A 23 7.78 12.32 -3.16
CA ASN A 23 7.04 11.07 -3.13
C ASN A 23 8.04 9.92 -3.30
N ILE A 24 8.28 9.20 -2.22
CA ILE A 24 9.21 8.07 -2.20
C ILE A 24 8.48 6.88 -1.58
N GLU A 25 8.39 5.78 -2.33
CA GLU A 25 7.69 4.60 -1.85
C GLU A 25 6.27 5.00 -1.47
N ASN A 26 5.68 5.85 -2.31
CA ASN A 26 4.31 6.35 -2.12
C ASN A 26 4.10 7.25 -0.91
N SER A 27 5.18 7.81 -0.36
CA SER A 27 5.06 8.67 0.82
C SER A 27 4.22 9.93 0.56
N ALA A 28 4.10 10.31 -0.71
CA ALA A 28 3.30 11.49 -1.06
C ALA A 28 2.58 11.24 -2.39
N ARG A 29 2.05 10.03 -2.53
CA ARG A 29 1.35 9.60 -3.74
C ARG A 29 0.20 10.53 -4.12
N ALA A 30 -0.73 10.75 -3.19
CA ALA A 30 -1.87 11.60 -3.47
C ALA A 30 -1.46 13.00 -3.93
N SER A 31 -0.48 13.59 -3.27
CA SER A 31 -0.02 14.92 -3.66
C SER A 31 0.57 14.88 -5.06
N SER A 32 1.36 13.85 -5.34
CA SER A 32 1.96 13.69 -6.66
C SER A 32 0.87 13.59 -7.73
N VAL A 33 -0.15 12.79 -7.45
CA VAL A 33 -1.26 12.62 -8.38
C VAL A 33 -2.04 13.92 -8.56
N TYR A 34 -2.40 14.55 -7.45
CA TYR A 34 -3.18 15.78 -7.46
C TYR A 34 -2.52 16.93 -8.20
N PHE A 35 -1.23 17.13 -7.96
CA PHE A 35 -0.50 18.24 -8.57
C PHE A 35 0.25 17.98 -9.88
N SER A 36 0.41 16.71 -10.26
CA SER A 36 1.14 16.41 -11.49
C SER A 36 0.44 15.39 -12.40
N GLY A 37 -0.37 14.54 -11.81
CA GLY A 37 -1.05 13.52 -12.61
C GLY A 37 -0.31 12.19 -12.58
N PHE A 38 0.92 12.21 -12.11
CA PHE A 38 1.73 11.00 -12.02
C PHE A 38 1.18 10.09 -10.92
N THR A 39 1.01 8.81 -11.23
CA THR A 39 0.46 7.85 -10.27
C THR A 39 1.47 6.88 -9.66
N GLY A 40 2.74 7.00 -10.04
CA GLY A 40 3.76 6.11 -9.51
C GLY A 40 4.15 6.29 -8.05
N SER A 41 5.02 5.40 -7.56
CA SER A 41 5.47 5.43 -6.18
C SER A 41 6.69 6.30 -5.92
N PHE A 42 7.40 6.68 -6.97
CA PHE A 42 8.58 7.54 -6.82
C PHE A 42 8.52 8.75 -7.73
N SER A 43 8.47 9.93 -7.11
CA SER A 43 8.44 11.17 -7.89
C SER A 43 8.83 12.36 -7.01
N ILE A 44 9.83 13.11 -7.48
CA ILE A 44 10.28 14.31 -6.78
C ILE A 44 9.79 15.41 -7.69
N ILE A 45 8.80 16.16 -7.20
CA ILE A 45 8.17 17.20 -7.97
C ILE A 45 8.47 18.62 -7.51
N LEU A 46 8.87 19.47 -8.44
CA LEU A 46 9.15 20.86 -8.13
C LEU A 46 8.25 21.71 -9.00
N ILE A 47 7.44 22.53 -8.36
CA ILE A 47 6.51 23.42 -9.06
C ILE A 47 6.76 24.88 -8.70
N SER A 48 6.94 25.70 -9.74
CA SER A 48 7.14 27.13 -9.54
C SER A 48 6.61 27.83 -10.78
N GLU A 49 6.65 29.16 -10.80
CA GLU A 49 6.18 29.88 -11.96
C GLU A 49 6.96 29.43 -13.19
N ASN A 50 6.24 29.05 -14.24
CA ASN A 50 6.87 28.60 -15.48
C ASN A 50 7.79 27.38 -15.32
N THR A 51 7.58 26.59 -14.26
CA THR A 51 8.40 25.41 -14.02
C THR A 51 7.61 24.24 -13.45
N ARG A 52 7.69 23.10 -14.13
CA ARG A 52 7.01 21.88 -13.73
C ARG A 52 7.98 20.71 -13.93
N LEU A 53 8.73 20.39 -12.88
CA LEU A 53 9.72 19.32 -12.96
C LEU A 53 9.33 18.08 -12.17
N LEU A 54 9.57 16.91 -12.76
CA LEU A 54 9.28 15.65 -12.09
C LEU A 54 10.48 14.72 -12.25
N ILE A 55 11.07 14.34 -11.13
CA ILE A 55 12.23 13.45 -11.12
C ILE A 55 11.81 12.07 -10.66
N THR A 56 12.11 11.05 -11.46
CA THR A 56 11.76 9.68 -11.11
C THR A 56 12.81 8.72 -11.66
N ASP A 57 12.72 7.47 -11.25
CA ASP A 57 13.67 6.46 -11.71
C ASP A 57 13.23 5.73 -12.97
N SER A 58 14.10 4.85 -13.46
CA SER A 58 13.85 4.08 -14.67
C SER A 58 12.53 3.31 -14.68
N ARG A 59 12.03 2.96 -13.50
CA ARG A 59 10.78 2.22 -13.41
C ARG A 59 9.58 3.06 -13.88
N TYR A 60 9.73 4.38 -13.82
CA TYR A 60 8.63 5.27 -14.17
C TYR A 60 8.87 6.36 -15.22
N THR A 61 10.05 6.43 -15.82
CA THR A 61 10.32 7.47 -16.80
C THR A 61 9.27 7.59 -17.91
N VAL A 62 8.90 6.45 -18.50
CA VAL A 62 7.92 6.43 -19.57
C VAL A 62 6.53 6.81 -19.06
N GLN A 63 6.14 6.20 -17.96
CA GLN A 63 4.83 6.46 -17.36
C GLN A 63 4.63 7.94 -17.04
N ALA A 64 5.62 8.54 -16.39
CA ALA A 64 5.53 9.96 -16.03
C ALA A 64 5.33 10.86 -17.25
N LYS A 65 5.93 10.49 -18.37
CA LYS A 65 5.79 11.29 -19.57
C LYS A 65 4.40 11.10 -20.17
N GLN A 66 3.80 9.94 -19.90
CA GLN A 66 2.46 9.64 -20.41
C GLN A 66 1.39 10.33 -19.56
N GLU A 67 1.55 10.27 -18.24
CA GLU A 67 0.58 10.85 -17.32
C GLU A 67 0.66 12.34 -17.04
N THR A 68 1.82 12.96 -17.29
CA THR A 68 1.92 14.38 -16.97
C THR A 68 2.38 15.22 -18.16
N ASP A 69 2.26 16.56 -18.01
CA ASP A 69 2.88 17.46 -18.96
C ASP A 69 4.11 18.14 -18.36
N PHE A 70 4.66 17.48 -17.32
CA PHE A 70 5.84 17.95 -16.62
C PHE A 70 7.12 17.68 -17.41
N GLU A 71 8.21 18.32 -17.01
CA GLU A 71 9.52 18.05 -17.58
C GLU A 71 10.03 16.89 -16.73
N VAL A 72 10.17 15.72 -17.35
CA VAL A 72 10.62 14.53 -16.64
C VAL A 72 12.12 14.27 -16.71
N ARG A 73 12.72 14.01 -15.55
CA ARG A 73 14.14 13.73 -15.46
C ARG A 73 14.36 12.42 -14.71
N GLU A 74 15.28 11.59 -15.23
CA GLU A 74 15.58 10.31 -14.63
C GLU A 74 16.86 10.39 -13.78
N VAL A 75 16.88 9.68 -12.67
CA VAL A 75 18.03 9.67 -11.78
C VAL A 75 18.36 8.27 -11.30
N ASP A 79 18.85 8.71 -4.87
CA ASP A 79 19.65 9.92 -4.90
C ASP A 79 19.05 10.95 -5.86
N PHE A 80 18.38 11.95 -5.29
CA PHE A 80 17.75 12.99 -6.09
C PHE A 80 18.12 14.38 -5.60
N ILE A 81 18.60 14.47 -4.37
CA ILE A 81 18.95 15.76 -3.80
C ILE A 81 19.91 16.62 -4.62
N ASP A 82 21.03 16.04 -5.05
CA ASP A 82 22.00 16.82 -5.86
C ASP A 82 21.39 17.26 -7.18
N VAL A 83 20.63 16.39 -7.81
CA VAL A 83 19.98 16.70 -9.08
C VAL A 83 18.97 17.82 -8.89
N LEU A 84 18.16 17.72 -7.84
CA LEU A 84 17.15 18.73 -7.54
C LEU A 84 17.77 20.10 -7.25
N LYS A 85 18.86 20.08 -6.49
CA LYS A 85 19.52 21.32 -6.11
C LYS A 85 19.99 22.14 -7.32
N LYS A 86 20.46 21.46 -8.36
CA LYS A 86 20.91 22.15 -9.56
C LYS A 86 19.80 23.04 -10.11
N THR A 87 18.60 22.47 -10.20
CA THR A 87 17.45 23.22 -10.71
C THR A 87 17.03 24.32 -9.76
N VAL A 88 17.04 24.03 -8.46
CA VAL A 88 16.67 25.02 -7.47
C VAL A 88 17.57 26.24 -7.59
N ASN A 89 18.88 25.98 -7.71
CA ASN A 89 19.84 27.08 -7.84
C ASN A 89 19.77 27.78 -9.20
N ASP A 90 19.58 27.02 -10.27
CA ASP A 90 19.51 27.62 -11.60
C ASP A 90 18.32 28.55 -11.74
N LEU A 91 17.23 28.23 -11.05
CA LEU A 91 16.01 29.03 -11.11
C LEU A 91 15.94 30.09 -10.01
N LYS A 92 16.98 30.16 -9.19
CA LYS A 92 17.06 31.13 -8.11
C LYS A 92 15.90 31.00 -7.11
N ILE A 93 15.46 29.76 -6.88
CA ILE A 93 14.38 29.50 -5.94
C ILE A 93 14.95 29.61 -4.53
N LYS A 94 14.39 30.51 -3.73
CA LYS A 94 14.87 30.73 -2.37
C LYS A 94 13.96 30.18 -1.28
N THR A 95 12.66 30.29 -1.50
CA THR A 95 11.68 29.80 -0.53
C THR A 95 10.98 28.59 -1.13
N ILE A 96 10.87 27.53 -0.34
CA ILE A 96 10.27 26.28 -0.79
C ILE A 96 9.20 25.77 0.16
N ALA A 97 7.99 25.61 -0.36
CA ALA A 97 6.88 25.09 0.45
C ALA A 97 7.01 23.57 0.48
N LEU A 98 6.63 22.98 1.60
CA LEU A 98 6.69 21.53 1.79
C LEU A 98 5.51 21.05 2.61
N GLU A 99 5.22 19.76 2.52
CA GLU A 99 4.18 19.15 3.33
C GLU A 99 5.01 18.42 4.37
N GLU A 100 5.19 19.04 5.52
CA GLU A 100 6.04 18.48 6.56
C GLU A 100 5.43 17.22 7.22
N GLU A 101 4.13 16.98 6.95
CA GLU A 101 3.53 15.72 7.40
C GLU A 101 3.86 14.56 6.44
N ARG A 102 4.47 14.91 5.30
CA ARG A 102 4.76 13.91 4.27
C ARG A 102 6.26 13.78 3.98
N VAL A 103 7.11 14.21 4.91
CA VAL A 103 8.54 14.08 4.76
C VAL A 103 9.06 13.54 6.09
N SER A 104 9.91 12.52 6.05
CA SER A 104 10.44 11.95 7.27
C SER A 104 11.45 12.89 7.91
N LEU A 105 11.68 12.70 9.20
CA LEU A 105 12.64 13.51 9.94
C LEU A 105 14.02 13.37 9.29
N SER A 106 14.40 12.13 8.97
CA SER A 106 15.71 11.89 8.36
C SER A 106 15.86 12.53 6.98
N LEU A 107 14.84 12.39 6.14
CA LEU A 107 14.92 12.99 4.81
C LEU A 107 14.91 14.51 4.94
N PHE A 108 14.12 15.03 5.87
CA PHE A 108 14.09 16.47 6.03
C PHE A 108 15.47 16.99 6.45
N ARG A 109 16.13 16.25 7.34
CA ARG A 109 17.45 16.66 7.78
C ARG A 109 18.44 16.61 6.62
N ARG A 110 18.25 15.67 5.70
CA ARG A 110 19.14 15.57 4.54
C ARG A 110 18.91 16.77 3.62
N ILE A 111 17.63 17.12 3.43
CA ILE A 111 17.25 18.25 2.58
C ILE A 111 17.73 19.55 3.22
N SER A 112 17.51 19.68 4.52
CA SER A 112 17.91 20.87 5.26
C SER A 112 19.42 21.11 5.17
N SER A 113 20.19 20.04 5.28
CA SER A 113 21.64 20.14 5.22
C SER A 113 22.12 20.52 3.81
N ALA A 114 21.47 19.97 2.80
CA ALA A 114 21.84 20.26 1.42
C ALA A 114 21.41 21.64 0.95
N PHE A 115 20.29 22.11 1.49
CA PHE A 115 19.76 23.43 1.13
C PHE A 115 19.85 24.37 2.33
N GLY A 116 21.06 24.52 2.87
CA GLY A 116 21.25 25.37 4.03
C GLY A 116 20.91 26.84 3.83
N ASP A 117 20.97 27.31 2.59
CA ASP A 117 20.68 28.71 2.31
C ASP A 117 19.26 28.94 1.80
N ARG A 118 18.40 27.94 1.99
CA ARG A 118 17.01 28.04 1.56
C ARG A 118 16.09 28.14 2.76
N LYS A 119 14.87 28.63 2.53
CA LYS A 119 13.88 28.76 3.59
C LYS A 119 12.71 27.83 3.25
N PHE A 120 12.32 27.00 4.21
CA PHE A 120 11.22 26.06 3.99
C PHE A 120 9.96 26.48 4.72
N ILE A 121 8.82 26.33 4.04
CA ILE A 121 7.55 26.73 4.61
C ILE A 121 6.56 25.57 4.55
N GLY A 122 6.03 25.19 5.69
CA GLY A 122 5.06 24.11 5.71
C GLY A 122 3.72 24.61 5.23
N ILE A 123 3.13 23.93 4.24
CA ILE A 123 1.83 24.33 3.73
C ILE A 123 0.83 23.19 3.83
N ASP A 124 1.05 22.30 4.79
CA ASP A 124 0.17 21.15 4.98
C ASP A 124 -1.30 21.55 5.13
N ASP A 125 -1.58 22.55 5.95
CA ASP A 125 -2.96 22.97 6.14
C ASP A 125 -3.60 23.46 4.85
N GLU A 126 -2.88 24.28 4.09
CA GLU A 126 -3.43 24.80 2.85
C GLU A 126 -3.70 23.69 1.84
N VAL A 127 -2.77 22.76 1.72
CA VAL A 127 -2.94 21.65 0.78
C VAL A 127 -4.11 20.76 1.23
N LYS A 128 -4.22 20.52 2.53
CA LYS A 128 -5.31 19.71 3.04
C LYS A 128 -6.66 20.33 2.73
N GLN A 129 -6.77 21.64 2.92
CA GLN A 129 -8.02 22.34 2.66
C GLN A 129 -8.34 22.32 1.18
N MET A 130 -7.31 22.41 0.36
CA MET A 130 -7.46 22.40 -1.10
C MET A 130 -8.08 21.07 -1.53
N ARG A 131 -7.53 19.97 -1.04
CA ARG A 131 -8.02 18.64 -1.41
C ARG A 131 -9.33 18.27 -0.73
N MET A 132 -9.60 18.85 0.43
CA MET A 132 -10.83 18.49 1.13
C MET A 132 -12.10 18.95 0.42
N VAL A 133 -12.01 20.08 -0.29
CA VAL A 133 -13.17 20.59 -1.02
C VAL A 133 -13.02 20.17 -2.48
N LYS A 134 -13.89 19.26 -2.91
CA LYS A 134 -13.85 18.75 -4.29
C LYS A 134 -14.52 19.64 -5.32
N ASP A 135 -13.97 19.63 -6.54
CA ASP A 135 -14.55 20.36 -7.66
C ASP A 135 -15.61 19.39 -8.17
N GLU A 136 -16.50 19.87 -9.04
CA GLU A 136 -17.51 18.99 -9.58
C GLU A 136 -16.90 17.87 -10.41
N GLY A 137 -15.74 18.13 -11.01
CA GLY A 137 -15.08 17.12 -11.82
C GLY A 137 -14.63 15.94 -10.97
N GLU A 138 -14.18 16.24 -9.76
CA GLU A 138 -13.72 15.19 -8.85
C GLU A 138 -14.91 14.39 -8.33
N ILE A 139 -15.99 15.09 -8.02
CA ILE A 139 -17.19 14.41 -7.53
C ILE A 139 -17.72 13.48 -8.62
N GLU A 140 -17.56 13.89 -9.88
CA GLU A 140 -18.00 13.07 -10.99
C GLU A 140 -17.20 11.77 -11.04
N LYS A 141 -15.89 11.87 -10.82
CA LYS A 141 -15.03 10.69 -10.83
C LYS A 141 -15.32 9.77 -9.64
N ILE A 142 -15.55 10.36 -8.47
CA ILE A 142 -15.87 9.57 -7.27
C ILE A 142 -17.17 8.81 -7.55
N LYS A 143 -18.15 9.50 -8.11
CA LYS A 143 -19.44 8.86 -8.42
C LYS A 143 -19.24 7.70 -9.41
N GLN A 144 -18.34 7.88 -10.38
CA GLN A 144 -18.09 6.82 -11.34
C GLN A 144 -17.49 5.61 -10.62
N ALA A 145 -16.57 5.85 -9.70
CA ALA A 145 -15.95 4.76 -8.95
C ALA A 145 -17.02 4.02 -8.15
N ILE A 146 -17.98 4.77 -7.62
CA ILE A 146 -19.07 4.19 -6.84
C ILE A 146 -19.95 3.36 -7.77
N GLU A 147 -20.30 3.91 -8.93
CA GLU A 147 -21.14 3.17 -9.88
C GLU A 147 -20.53 1.83 -10.27
N ILE A 148 -19.22 1.86 -10.52
CA ILE A 148 -18.48 0.65 -10.88
C ILE A 148 -18.56 -0.36 -9.73
N SER A 149 -18.31 0.13 -8.52
CA SER A 149 -18.33 -0.70 -7.32
C SER A 149 -19.67 -1.34 -7.06
N GLU A 150 -20.73 -0.56 -7.19
CA GLU A 150 -22.08 -1.06 -6.95
C GLU A 150 -22.53 -2.07 -7.99
N ARG A 151 -22.23 -1.83 -9.27
CA ARG A 151 -22.63 -2.77 -10.31
C ARG A 151 -21.92 -4.10 -10.08
N ALA A 152 -20.63 -4.03 -9.75
CA ALA A 152 -19.85 -5.23 -9.49
C ALA A 152 -20.39 -5.98 -8.27
N PHE A 153 -20.75 -5.24 -7.24
CA PHE A 153 -21.29 -5.87 -6.04
C PHE A 153 -22.56 -6.66 -6.37
N LEU A 154 -23.48 -6.04 -7.11
CA LEU A 154 -24.72 -6.72 -7.45
C LEU A 154 -24.50 -7.98 -8.28
N GLU A 155 -23.47 -7.98 -9.13
CA GLU A 155 -23.18 -9.15 -9.94
C GLU A 155 -22.48 -10.23 -9.14
N THR A 156 -21.76 -9.82 -8.11
CA THR A 156 -21.01 -10.74 -7.25
C THR A 156 -21.80 -11.36 -6.12
N VAL A 157 -22.63 -10.55 -5.47
CA VAL A 157 -23.38 -11.00 -4.30
C VAL A 157 -24.15 -12.30 -4.39
N GLN A 158 -24.87 -12.53 -5.49
CA GLN A 158 -25.65 -13.77 -5.60
C GLN A 158 -24.78 -15.00 -5.84
N GLN A 159 -23.53 -14.79 -6.24
CA GLN A 159 -22.61 -15.90 -6.50
C GLN A 159 -21.94 -16.37 -5.20
N ILE A 160 -22.17 -15.63 -4.11
CA ILE A 160 -21.59 -15.98 -2.82
C ILE A 160 -22.28 -17.20 -2.22
N ARG A 161 -21.49 -18.11 -1.67
CA ARG A 161 -22.07 -19.30 -1.05
C ARG A 161 -21.13 -19.96 -0.07
N ALA A 162 -21.70 -20.75 0.83
CA ALA A 162 -20.94 -21.47 1.84
C ALA A 162 -19.89 -22.31 1.16
N GLY A 163 -18.69 -22.36 1.73
CA GLY A 163 -17.63 -23.14 1.14
C GLY A 163 -16.53 -22.27 0.56
N MET A 164 -16.90 -21.08 0.11
CA MET A 164 -15.91 -20.15 -0.42
C MET A 164 -15.17 -19.54 0.74
N THR A 165 -13.93 -19.11 0.52
CA THR A 165 -13.19 -18.45 1.58
C THR A 165 -13.49 -16.96 1.42
N GLU A 166 -13.20 -16.19 2.45
CA GLU A 166 -13.43 -14.74 2.39
C GLU A 166 -12.60 -14.15 1.26
N LYS A 167 -11.38 -14.67 1.08
CA LYS A 167 -10.51 -14.18 0.01
C LYS A 167 -11.05 -14.50 -1.37
N GLU A 168 -11.69 -15.65 -1.54
CA GLU A 168 -12.24 -16.00 -2.85
C GLU A 168 -13.37 -15.02 -3.17
N ILE A 169 -14.13 -14.63 -2.16
CA ILE A 169 -15.22 -13.68 -2.37
C ILE A 169 -14.63 -12.32 -2.74
N ALA A 170 -13.59 -11.91 -2.00
CA ALA A 170 -12.93 -10.63 -2.27
C ALA A 170 -12.33 -10.64 -3.69
N ALA A 171 -11.72 -11.75 -4.07
CA ALA A 171 -11.11 -11.88 -5.40
C ALA A 171 -12.14 -11.67 -6.50
N LEU A 172 -13.29 -12.33 -6.36
CA LEU A 172 -14.34 -12.21 -7.36
C LEU A 172 -14.86 -10.78 -7.44
N LEU A 173 -15.09 -10.16 -6.29
CA LEU A 173 -15.60 -8.79 -6.28
C LEU A 173 -14.61 -7.83 -6.94
N GLU A 174 -13.32 -7.97 -6.63
CA GLU A 174 -12.31 -7.09 -7.20
C GLU A 174 -12.17 -7.28 -8.72
N TYR A 175 -12.16 -8.52 -9.18
CA TYR A 175 -12.03 -8.80 -10.60
C TYR A 175 -13.28 -8.29 -11.33
N THR A 176 -14.42 -8.39 -10.67
CA THR A 176 -15.66 -7.92 -11.29
C THR A 176 -15.68 -6.39 -11.34
N MET A 177 -15.05 -5.73 -10.37
CA MET A 177 -15.01 -4.27 -10.43
C MET A 177 -14.16 -3.91 -11.65
N ARG A 178 -13.12 -4.68 -11.91
CA ARG A 178 -12.28 -4.41 -13.07
C ARG A 178 -13.09 -4.63 -14.34
N LYS A 179 -13.95 -5.65 -14.32
CA LYS A 179 -14.81 -5.93 -15.48
C LYS A 179 -15.67 -4.71 -15.80
N GLU A 180 -16.13 -4.03 -14.75
CA GLU A 180 -16.99 -2.87 -14.93
C GLU A 180 -16.26 -1.55 -15.18
N GLY A 181 -14.94 -1.60 -15.27
CA GLY A 181 -14.19 -0.39 -15.55
C GLY A 181 -13.22 0.11 -14.48
N ALA A 182 -13.17 -0.55 -13.34
CA ALA A 182 -12.24 -0.11 -12.30
C ALA A 182 -10.80 -0.14 -12.81
N GLU A 183 -10.03 0.93 -12.52
CA GLU A 183 -8.63 0.79 -12.92
C GLU A 183 -7.71 0.39 -11.76
N GLY A 184 -8.32 0.30 -10.59
CA GLY A 184 -7.66 -0.32 -9.47
C GLY A 184 -8.64 -0.56 -8.36
N VAL A 185 -8.12 -1.07 -7.26
CA VAL A 185 -8.94 -1.13 -6.07
C VAL A 185 -8.48 -0.06 -5.09
N ALA A 186 -9.42 0.61 -4.44
CA ALA A 186 -9.08 1.67 -3.47
C ALA A 186 -8.36 1.19 -2.21
N PHE A 187 -8.65 -0.03 -1.79
CA PHE A 187 -8.05 -0.59 -0.59
C PHE A 187 -8.31 -2.08 -0.53
N ASP A 188 -7.58 -2.79 0.34
CA ASP A 188 -7.74 -4.23 0.48
C ASP A 188 -9.19 -4.52 0.89
N THR A 189 -9.92 -5.18 0.00
CA THR A 189 -11.32 -5.50 0.24
C THR A 189 -11.49 -6.25 1.56
N ILE A 190 -12.48 -5.84 2.34
CA ILE A 190 -12.74 -6.50 3.60
C ILE A 190 -13.94 -7.41 3.42
N VAL A 191 -13.76 -8.69 3.75
CA VAL A 191 -14.85 -9.66 3.71
C VAL A 191 -14.70 -10.36 5.05
N ALA A 192 -15.53 -9.95 6.01
CA ALA A 192 -15.48 -10.49 7.37
C ALA A 192 -16.73 -11.30 7.66
N SER A 193 -16.56 -12.62 7.73
CA SER A 193 -17.67 -13.55 7.94
C SER A 193 -17.75 -14.16 9.32
N GLY A 194 -18.98 -14.46 9.74
CA GLY A 194 -19.19 -15.06 11.05
C GLY A 194 -18.63 -14.20 12.17
N CYS A 195 -17.90 -14.83 13.09
CA CYS A 195 -17.31 -14.13 14.22
CA CYS A 195 -17.33 -14.10 14.22
C CYS A 195 -16.36 -13.02 13.76
N ARG A 196 -15.79 -13.18 12.57
CA ARG A 196 -14.85 -12.17 12.08
C ARG A 196 -15.55 -10.85 11.75
N SER A 197 -16.89 -10.93 11.54
CA SER A 197 -17.62 -9.70 11.24
C SER A 197 -17.64 -8.75 12.43
N ALA A 198 -17.24 -9.29 13.60
CA ALA A 198 -17.18 -8.46 14.80
C ALA A 198 -15.89 -7.65 14.85
N LEU A 199 -14.97 -7.94 13.93
CA LEU A 199 -13.71 -7.20 13.86
C LEU A 199 -13.95 -6.00 12.95
N PRO A 200 -13.88 -4.78 13.50
CA PRO A 200 -14.11 -3.55 12.75
C PRO A 200 -13.33 -3.36 11.45
N HIS A 201 -12.03 -3.61 11.49
CA HIS A 201 -11.22 -3.39 10.30
C HIS A 201 -10.12 -4.41 10.09
N GLY A 202 -10.50 -5.66 9.87
CA GLY A 202 -9.53 -6.70 9.61
C GLY A 202 -9.38 -6.73 8.10
N LYS A 203 -9.38 -7.93 7.53
CA LYS A 203 -9.25 -8.07 6.08
C LYS A 203 -9.76 -9.44 5.68
N ALA A 204 -9.99 -9.64 4.38
CA ALA A 204 -10.46 -10.92 3.89
C ALA A 204 -9.39 -11.95 4.23
N SER A 205 -9.80 -13.06 4.85
CA SER A 205 -8.85 -14.10 5.25
C SER A 205 -9.15 -15.43 4.56
N ASP A 206 -8.40 -16.46 4.97
CA ASP A 206 -8.61 -17.78 4.38
C ASP A 206 -9.75 -18.52 5.04
N LYS A 207 -10.41 -17.87 5.99
CA LYS A 207 -11.54 -18.49 6.67
C LYS A 207 -12.62 -18.88 5.68
N VAL A 208 -13.16 -20.08 5.85
CA VAL A 208 -14.22 -20.59 5.00
C VAL A 208 -15.55 -20.06 5.51
N VAL A 209 -16.35 -19.51 4.60
CA VAL A 209 -17.66 -18.98 4.97
C VAL A 209 -18.62 -20.14 5.21
N GLU A 210 -19.37 -20.04 6.30
CA GLU A 210 -20.32 -21.08 6.68
C GLU A 210 -21.78 -20.65 6.55
N ARG A 211 -22.65 -21.64 6.45
CA ARG A 211 -24.07 -21.35 6.36
C ARG A 211 -24.46 -20.65 7.65
N GLY A 212 -25.26 -19.59 7.54
CA GLY A 212 -25.67 -18.85 8.71
C GLY A 212 -24.81 -17.63 8.98
N ASP A 213 -23.68 -17.54 8.28
CA ASP A 213 -22.75 -16.43 8.46
C ASP A 213 -23.24 -15.04 8.07
N VAL A 214 -22.98 -14.08 8.94
CA VAL A 214 -23.28 -12.69 8.65
C VAL A 214 -21.94 -12.28 8.03
N ILE A 215 -21.97 -11.52 6.95
CA ILE A 215 -20.73 -11.12 6.31
C ILE A 215 -20.71 -9.61 6.03
N VAL A 216 -19.73 -8.91 6.58
CA VAL A 216 -19.59 -7.49 6.33
C VAL A 216 -18.61 -7.37 5.18
N ILE A 217 -19.02 -6.65 4.13
CA ILE A 217 -18.18 -6.48 2.96
C ILE A 217 -17.93 -4.98 2.74
N ASP A 218 -16.68 -4.57 2.88
CA ASP A 218 -16.27 -3.17 2.70
C ASP A 218 -15.39 -3.19 1.45
N PHE A 219 -15.81 -2.45 0.42
CA PHE A 219 -15.09 -2.47 -0.85
C PHE A 219 -15.13 -1.14 -1.56
N GLY A 220 -14.30 -1.00 -2.60
CA GLY A 220 -14.29 0.24 -3.33
C GLY A 220 -13.31 0.22 -4.49
N ALA A 221 -13.79 0.62 -5.66
CA ALA A 221 -12.94 0.67 -6.83
C ALA A 221 -12.32 2.06 -6.93
N THR A 222 -11.33 2.18 -7.79
CA THR A 222 -10.72 3.48 -8.07
C THR A 222 -11.00 3.70 -9.54
N TYR A 223 -11.21 4.95 -9.93
CA TYR A 223 -11.47 5.29 -11.31
C TYR A 223 -10.90 6.68 -11.53
N GLU A 224 -10.01 6.79 -12.51
CA GLU A 224 -9.37 8.06 -12.81
C GLU A 224 -8.80 8.67 -11.54
N ASN A 225 -8.22 7.80 -10.73
CA ASN A 225 -7.55 8.12 -9.47
C ASN A 225 -8.41 8.36 -8.24
N TYR A 226 -9.74 8.41 -8.41
CA TYR A 226 -10.62 8.63 -7.27
C TYR A 226 -11.23 7.36 -6.70
N CYS A 227 -11.49 7.39 -5.40
CA CYS A 227 -12.00 6.23 -4.68
C CYS A 227 -13.45 6.19 -4.22
N ALA A 228 -13.93 4.96 -4.06
CA ALA A 228 -15.26 4.70 -3.55
C ALA A 228 -14.99 3.92 -2.26
N ASP A 229 -15.91 3.97 -1.30
CA ASP A 229 -15.76 3.22 -0.05
C ASP A 229 -17.17 2.88 0.38
N ILE A 230 -17.55 1.62 0.15
CA ILE A 230 -18.90 1.15 0.45
C ILE A 230 -18.90 -0.09 1.34
N THR A 231 -19.85 -0.16 2.25
CA THR A 231 -19.96 -1.32 3.13
C THR A 231 -21.41 -1.78 3.17
N ARG A 232 -21.62 -3.07 2.94
CA ARG A 232 -22.96 -3.66 2.97
C ARG A 232 -22.83 -4.99 3.69
N VAL A 233 -23.97 -5.55 4.09
CA VAL A 233 -23.99 -6.80 4.81
C VAL A 233 -24.67 -7.90 4.00
N VAL A 234 -24.08 -9.08 4.03
CA VAL A 234 -24.60 -10.26 3.36
C VAL A 234 -24.84 -11.30 4.42
N SER A 235 -25.85 -12.15 4.21
CA SER A 235 -26.15 -13.21 5.15
C SER A 235 -26.36 -14.49 4.37
N ILE A 236 -25.66 -15.55 4.77
CA ILE A 236 -25.82 -16.85 4.12
C ILE A 236 -27.04 -17.47 4.79
N GLY A 237 -28.19 -17.32 4.14
CA GLY A 237 -29.42 -17.83 4.70
C GLY A 237 -30.10 -16.70 5.46
N GLU A 238 -31.35 -16.90 5.83
CA GLU A 238 -32.10 -15.87 6.55
C GLU A 238 -31.40 -15.52 7.86
N PRO A 239 -31.17 -14.22 8.11
CA PRO A 239 -30.50 -13.81 9.35
C PRO A 239 -31.43 -13.91 10.57
N SER A 240 -30.84 -14.06 11.74
CA SER A 240 -31.60 -14.18 12.98
C SER A 240 -32.27 -12.85 13.30
N ASP A 241 -33.26 -12.89 14.18
CA ASP A 241 -33.97 -11.67 14.56
C ASP A 241 -33.02 -10.67 15.24
N GLU A 242 -32.03 -11.17 15.96
CA GLU A 242 -31.07 -10.31 16.64
C GLU A 242 -30.22 -9.57 15.60
N VAL A 243 -29.78 -10.30 14.58
CA VAL A 243 -28.99 -9.67 13.52
C VAL A 243 -29.82 -8.60 12.84
N LYS A 244 -31.08 -8.94 12.53
CA LYS A 244 -31.97 -7.98 11.89
C LYS A 244 -32.13 -6.73 12.76
N GLU A 245 -32.29 -6.92 14.07
CA GLU A 245 -32.46 -5.81 14.98
C GLU A 245 -31.24 -4.89 15.02
N VAL A 246 -30.05 -5.47 15.14
CA VAL A 246 -28.84 -4.67 15.17
C VAL A 246 -28.69 -3.92 13.87
N HIS A 247 -29.01 -4.59 12.77
CA HIS A 247 -28.92 -3.96 11.45
C HIS A 247 -29.86 -2.77 11.36
N SER A 248 -31.07 -2.91 11.92
CA SER A 248 -32.04 -1.83 11.88
CA SER A 248 -32.05 -1.83 11.89
C SER A 248 -31.55 -0.63 12.68
N ILE A 249 -30.89 -0.90 13.81
CA ILE A 249 -30.37 0.18 14.65
C ILE A 249 -29.25 0.90 13.91
N VAL A 250 -28.39 0.16 13.23
CA VAL A 250 -27.29 0.76 12.48
C VAL A 250 -27.85 1.65 11.37
N LEU A 251 -28.85 1.16 10.66
CA LEU A 251 -29.46 1.91 9.57
C LEU A 251 -30.10 3.20 10.09
N GLU A 252 -30.82 3.11 11.20
CA GLU A 252 -31.46 4.28 11.77
C GLU A 252 -30.43 5.30 12.25
N ALA A 253 -29.34 4.82 12.83
CA ALA A 253 -28.28 5.71 13.31
C ALA A 253 -27.69 6.47 12.12
N GLN A 254 -27.48 5.75 11.02
CA GLN A 254 -26.92 6.33 9.82
C GLN A 254 -27.85 7.41 9.26
N GLU A 255 -29.13 7.10 9.22
CA GLU A 255 -30.12 8.04 8.69
C GLU A 255 -30.26 9.30 9.55
N ARG A 256 -30.06 9.17 10.85
CA ARG A 256 -30.16 10.33 11.73
C ARG A 256 -29.00 11.28 11.50
N ALA A 257 -27.83 10.72 11.22
CA ALA A 257 -26.66 11.54 10.96
C ALA A 257 -26.83 12.22 9.61
N LEU A 258 -27.35 11.48 8.63
CA LEU A 258 -27.55 12.05 7.31
C LEU A 258 -28.54 13.21 7.31
N LYS A 259 -29.52 13.16 8.21
CA LYS A 259 -30.53 14.22 8.28
C LYS A 259 -30.05 15.56 8.79
N ILE A 260 -28.95 15.57 9.55
CA ILE A 260 -28.46 16.85 10.06
C ILE A 260 -27.24 17.35 9.31
N ALA A 261 -26.74 16.55 8.35
CA ALA A 261 -25.56 16.95 7.61
C ALA A 261 -25.82 18.09 6.62
N LYS A 262 -25.12 19.21 6.83
CA LYS A 262 -25.18 20.37 5.96
C LYS A 262 -23.95 21.23 6.23
N ALA A 263 -23.62 22.10 5.28
CA ALA A 263 -22.45 22.96 5.45
C ALA A 263 -22.49 23.67 6.79
N GLY A 264 -21.38 23.67 7.50
CA GLY A 264 -21.33 24.32 8.80
C GLY A 264 -21.28 23.31 9.94
N VAL A 265 -21.83 22.13 9.69
CA VAL A 265 -21.83 21.07 10.69
C VAL A 265 -20.41 20.59 10.92
N THR A 266 -20.17 19.97 12.08
CA THR A 266 -18.86 19.45 12.41
C THR A 266 -18.92 17.93 12.41
N GLY A 267 -17.77 17.29 12.22
CA GLY A 267 -17.75 15.84 12.23
C GLY A 267 -18.24 15.37 13.59
N LYS A 268 -17.86 16.11 14.62
CA LYS A 268 -18.25 15.79 15.99
C LYS A 268 -19.77 15.73 16.15
N LEU A 269 -20.48 16.71 15.59
CA LEU A 269 -21.93 16.75 15.69
CA LEU A 269 -21.93 16.74 15.70
C LEU A 269 -22.57 15.57 14.95
N LEU A 270 -22.05 15.26 13.77
CA LEU A 270 -22.59 14.14 13.00
C LEU A 270 -22.40 12.84 13.78
N ASP A 271 -21.20 12.65 14.31
CA ASP A 271 -20.89 11.46 15.08
C ASP A 271 -21.78 11.37 16.32
N SER A 272 -22.02 12.51 16.95
CA SER A 272 -22.83 12.56 18.17
C SER A 272 -24.27 12.09 18.03
N VAL A 273 -24.93 12.42 16.91
CA VAL A 273 -26.32 11.99 16.74
C VAL A 273 -26.43 10.48 16.60
N ALA A 274 -25.47 9.86 15.91
CA ALA A 274 -25.50 8.40 15.75
C ALA A 274 -25.16 7.77 17.09
N ARG A 275 -24.15 8.33 17.76
CA ARG A 275 -23.69 7.86 19.05
C ARG A 275 -24.80 7.92 20.10
N GLU A 276 -25.53 9.03 20.13
CA GLU A 276 -26.62 9.20 21.09
C GLU A 276 -27.75 8.20 20.86
N PHE A 277 -28.13 8.03 19.59
CA PHE A 277 -29.20 7.09 19.24
C PHE A 277 -28.86 5.67 19.65
N ILE A 278 -27.65 5.22 19.26
CA ILE A 278 -27.23 3.86 19.56
C ILE A 278 -27.06 3.59 21.06
N ARG A 279 -26.50 4.54 21.80
CA ARG A 279 -26.31 4.31 23.23
C ARG A 279 -27.62 4.28 24.01
N GLU A 280 -28.60 5.06 23.58
CA GLU A 280 -29.87 5.07 24.29
C GLU A 280 -30.68 3.79 23.99
N LYS A 281 -30.30 3.11 22.90
CA LYS A 281 -30.86 1.79 22.63
C LYS A 281 -30.15 0.70 23.45
N GLY A 282 -29.04 1.11 24.10
CA GLY A 282 -28.34 0.18 24.99
C GLY A 282 -27.11 -0.42 24.32
N TYR A 283 -26.75 -0.01 23.11
CA TYR A 283 -25.61 -0.60 22.41
C TYR A 283 -24.35 0.26 22.36
N GLY A 284 -24.26 1.24 23.24
CA GLY A 284 -23.11 2.12 23.27
C GLY A 284 -21.75 1.46 23.39
N GLU A 285 -21.64 0.37 24.13
CA GLU A 285 -20.36 -0.29 24.30
C GLU A 285 -19.91 -1.06 23.07
N PHE A 286 -20.78 -1.14 22.06
CA PHE A 286 -20.47 -1.88 20.85
C PHE A 286 -20.33 -0.97 19.63
N PHE A 287 -20.51 0.33 19.84
CA PHE A 287 -20.42 1.34 18.78
C PHE A 287 -19.00 1.48 18.24
N GLY A 288 -18.89 1.71 16.93
CA GLY A 288 -17.59 1.87 16.30
C GLY A 288 -16.82 3.09 16.79
N HIS A 289 -15.53 3.15 16.46
CA HIS A 289 -14.67 4.24 16.88
C HIS A 289 -15.07 5.61 16.33
N SER A 290 -15.37 5.67 15.04
CA SER A 290 -15.76 6.93 14.41
C SER A 290 -16.92 6.66 13.45
N LEU A 291 -17.60 7.72 13.05
CA LEU A 291 -18.74 7.57 12.14
C LEU A 291 -18.33 7.56 10.67
N GLY A 292 -17.16 8.08 10.36
CA GLY A 292 -16.75 8.10 8.97
C GLY A 292 -15.48 8.87 8.70
N HIS A 293 -15.15 8.99 7.42
CA HIS A 293 -13.93 9.66 7.00
C HIS A 293 -14.10 10.22 5.60
N GLY A 294 -13.20 11.13 5.22
CA GLY A 294 -13.29 11.69 3.88
C GLY A 294 -12.69 10.73 2.87
N ILE A 295 -13.03 10.96 1.59
CA ILE A 295 -12.52 10.16 0.50
C ILE A 295 -12.23 11.10 -0.68
N GLY A 296 -11.43 10.60 -1.61
CA GLY A 296 -11.02 11.33 -2.81
C GLY A 296 -9.96 10.53 -3.55
N LEU A 297 -8.75 11.13 -3.63
CA LEU A 297 -7.62 10.36 -4.16
C LEU A 297 -7.24 9.23 -3.20
N GLU A 298 -7.68 9.38 -1.94
CA GLU A 298 -7.40 8.36 -0.94
C GLU A 298 -8.67 7.90 -0.22
N VAL A 299 -8.58 6.70 0.39
CA VAL A 299 -9.72 6.21 1.17
C VAL A 299 -9.71 6.76 2.60
N HIS A 300 -8.58 7.38 2.97
CA HIS A 300 -8.47 7.97 4.30
C HIS A 300 -7.85 9.37 4.23
N GLU A 301 -8.73 10.36 4.07
CA GLU A 301 -8.33 11.76 4.03
C GLU A 301 -9.41 12.58 4.72
N GLY A 302 -9.19 13.88 4.88
CA GLY A 302 -10.18 14.73 5.54
C GLY A 302 -11.51 14.81 4.83
N PRO A 303 -12.61 15.08 5.56
CA PRO A 303 -12.65 15.31 7.00
C PRO A 303 -12.95 14.06 7.82
N ALA A 304 -12.44 14.04 9.05
CA ALA A 304 -12.70 12.92 9.94
C ALA A 304 -14.08 13.18 10.54
N ILE A 305 -14.96 12.19 10.48
CA ILE A 305 -16.30 12.34 11.03
C ILE A 305 -16.26 11.62 12.36
N SER A 306 -15.63 12.26 13.34
CA SER A 306 -15.45 11.66 14.66
C SER A 306 -15.73 12.62 15.79
N PHE A 307 -15.81 12.03 16.98
CA PHE A 307 -16.06 12.76 18.21
C PHE A 307 -15.06 13.90 18.44
N ARG A 308 -13.84 13.74 17.97
CA ARG A 308 -12.81 14.75 18.17
C ARG A 308 -12.70 15.89 17.15
N ASN A 309 -13.37 15.76 16.01
CA ASN A 309 -13.28 16.81 14.99
C ASN A 309 -14.38 17.86 15.10
N ASP A 310 -14.06 18.98 15.72
CA ASP A 310 -15.04 20.05 15.90
C ASP A 310 -14.87 21.17 14.87
N SER A 311 -14.31 20.86 13.72
CA SER A 311 -14.13 21.86 12.67
C SER A 311 -15.34 21.94 11.75
N PRO A 312 -15.89 23.14 11.54
CA PRO A 312 -17.05 23.30 10.66
C PRO A 312 -16.67 22.85 9.25
N LEU A 313 -17.50 22.00 8.66
CA LEU A 313 -17.25 21.47 7.33
C LEU A 313 -17.93 22.29 6.22
N PRO A 314 -17.15 22.74 5.23
CA PRO A 314 -17.69 23.54 4.12
C PRO A 314 -18.36 22.65 3.08
N GLU A 315 -19.12 23.25 2.19
CA GLU A 315 -19.79 22.48 1.16
C GLU A 315 -18.77 21.85 0.24
N ASN A 316 -19.17 20.71 -0.31
CA ASN A 316 -18.38 19.93 -1.24
C ASN A 316 -17.25 19.07 -0.70
N VAL A 317 -17.24 18.88 0.62
CA VAL A 317 -16.27 17.97 1.19
C VAL A 317 -16.99 16.64 0.90
N VAL A 318 -16.23 15.56 0.76
CA VAL A 318 -16.84 14.26 0.47
C VAL A 318 -16.40 13.29 1.56
N PHE A 319 -17.37 12.65 2.21
CA PHE A 319 -17.05 11.74 3.29
C PHE A 319 -18.01 10.57 3.42
N THR A 320 -17.69 9.67 4.33
CA THR A 320 -18.51 8.50 4.54
C THR A 320 -19.29 8.60 5.84
N VAL A 321 -20.40 7.88 5.88
CA VAL A 321 -21.26 7.83 7.06
C VAL A 321 -21.45 6.34 7.24
N GLU A 322 -20.76 5.78 8.23
CA GLU A 322 -20.79 4.34 8.43
C GLU A 322 -20.80 3.87 9.87
N PRO A 323 -21.93 4.04 10.55
CA PRO A 323 -21.97 3.59 11.95
C PRO A 323 -21.81 2.06 11.96
N GLY A 324 -21.26 1.54 13.04
CA GLY A 324 -21.09 0.11 13.16
C GLY A 324 -21.33 -0.34 14.58
N ILE A 325 -21.84 -1.55 14.73
CA ILE A 325 -22.09 -2.13 16.04
C ILE A 325 -21.44 -3.51 15.99
N TYR A 326 -20.50 -3.75 16.89
CA TYR A 326 -19.76 -5.00 16.91
C TYR A 326 -19.92 -5.73 18.23
N LEU A 327 -20.48 -6.93 18.18
CA LEU A 327 -20.65 -7.74 19.38
C LEU A 327 -19.51 -8.75 19.40
N GLU A 328 -18.49 -8.43 20.19
CA GLU A 328 -17.29 -9.26 20.31
C GLU A 328 -17.59 -10.74 20.44
N GLY A 329 -16.95 -11.55 19.59
CA GLY A 329 -17.15 -12.99 19.64
C GLY A 329 -18.44 -13.49 19.02
N LYS A 330 -19.21 -12.59 18.42
CA LYS A 330 -20.49 -12.98 17.82
C LYS A 330 -20.60 -12.52 16.36
N PHE A 331 -20.81 -11.23 16.17
CA PHE A 331 -20.94 -10.68 14.82
C PHE A 331 -20.93 -9.17 14.90
N GLY A 332 -20.84 -8.53 13.73
CA GLY A 332 -20.85 -7.08 13.67
C GLY A 332 -21.63 -6.63 12.45
N ILE A 333 -22.07 -5.38 12.47
CA ILE A 333 -22.83 -4.82 11.36
C ILE A 333 -22.36 -3.40 11.09
N ARG A 334 -22.06 -3.10 9.83
CA ARG A 334 -21.67 -1.76 9.45
C ARG A 334 -22.28 -1.51 8.08
N ILE A 335 -22.83 -0.31 7.90
CA ILE A 335 -23.43 0.08 6.62
CA ILE A 335 -23.44 0.08 6.63
C ILE A 335 -22.85 1.44 6.30
N GLU A 336 -22.30 1.59 5.09
CA GLU A 336 -21.67 2.84 4.70
C GLU A 336 -22.12 3.51 3.41
N GLU A 337 -22.39 4.82 3.50
CA GLU A 337 -22.76 5.61 2.33
C GLU A 337 -21.64 6.61 2.08
N ASP A 338 -21.53 7.09 0.85
CA ASP A 338 -20.55 8.10 0.51
C ASP A 338 -21.40 9.33 0.21
N VAL A 339 -21.04 10.46 0.80
CA VAL A 339 -21.84 11.67 0.60
C VAL A 339 -21.04 12.94 0.33
N VAL A 340 -21.70 13.91 -0.28
CA VAL A 340 -21.09 15.21 -0.57
C VAL A 340 -21.85 16.22 0.28
N LEU A 341 -21.14 17.05 1.04
CA LEU A 341 -21.82 18.04 1.87
C LEU A 341 -22.29 19.20 0.99
N LYS A 342 -23.50 19.68 1.24
CA LYS A 342 -24.04 20.79 0.45
C LYS A 342 -24.52 21.89 1.38
N GLU A 343 -24.91 23.03 0.81
CA GLU A 343 -25.33 24.17 1.62
C GLU A 343 -26.46 23.99 2.63
N GLN A 344 -27.48 23.20 2.30
CA GLN A 344 -28.59 23.02 3.23
C GLN A 344 -28.91 21.55 3.46
N GLY A 345 -27.91 20.71 3.32
CA GLY A 345 -28.10 19.29 3.51
C GLY A 345 -26.95 18.57 2.86
N CYS A 346 -27.17 17.34 2.42
CA CYS A 346 -26.10 16.58 1.78
C CYS A 346 -26.60 15.83 0.55
N GLU A 347 -25.66 15.32 -0.22
CA GLU A 347 -25.96 14.56 -1.44
C GLU A 347 -25.36 13.18 -1.32
N ILE A 348 -26.21 12.16 -1.25
CA ILE A 348 -25.74 10.78 -1.13
C ILE A 348 -25.40 10.24 -2.51
N LEU A 349 -24.15 9.78 -2.66
CA LEU A 349 -23.67 9.25 -3.94
C LEU A 349 -23.90 7.75 -4.09
N THR A 350 -23.97 7.03 -2.97
CA THR A 350 -24.19 5.60 -3.04
C THR A 350 -25.68 5.32 -3.25
N THR A 351 -25.98 4.18 -3.87
CA THR A 351 -27.37 3.81 -4.18
C THR A 351 -27.76 2.37 -3.83
N LEU A 352 -26.79 1.52 -3.53
CA LEU A 352 -27.10 0.12 -3.20
C LEU A 352 -28.09 0.01 -2.06
N PRO A 353 -29.01 -0.97 -2.14
CA PRO A 353 -29.98 -1.15 -1.06
C PRO A 353 -29.17 -1.36 0.21
N ARG A 354 -29.65 -0.84 1.34
CA ARG A 354 -28.92 -1.00 2.59
C ARG A 354 -29.39 -2.20 3.40
N SER A 355 -30.43 -2.85 2.92
CA SER A 355 -30.95 -4.04 3.57
C SER A 355 -29.93 -5.16 3.46
N ILE A 356 -30.03 -6.15 4.32
CA ILE A 356 -29.11 -7.28 4.28
C ILE A 356 -29.36 -8.08 3.01
N PHE A 357 -28.29 -8.42 2.30
CA PHE A 357 -28.40 -9.22 1.09
C PHE A 357 -28.38 -10.68 1.52
N VAL A 358 -29.53 -11.33 1.45
CA VAL A 358 -29.65 -12.72 1.84
C VAL A 358 -29.39 -13.60 0.63
N VAL A 359 -28.41 -14.50 0.74
CA VAL A 359 -28.06 -15.39 -0.36
C VAL A 359 -28.15 -16.85 0.03
N ASP B 2 13.50 -13.26 21.25
CA ASP B 2 12.69 -12.68 20.14
C ASP B 2 13.34 -11.42 19.57
N ARG B 3 12.68 -10.79 18.61
CA ARG B 3 13.18 -9.58 17.97
C ARG B 3 13.27 -8.38 18.92
N SER B 4 12.21 -8.15 19.68
CA SER B 4 12.20 -7.04 20.63
C SER B 4 13.35 -7.19 21.62
N GLU B 5 13.59 -8.41 22.06
CA GLU B 5 14.67 -8.67 23.00
C GLU B 5 16.01 -8.49 22.29
N ARG B 6 16.12 -9.03 21.07
CA ARG B 6 17.35 -8.90 20.30
C ARG B 6 17.68 -7.43 20.08
N LEU B 7 16.64 -6.61 19.90
CA LEU B 7 16.84 -5.18 19.69
C LEU B 7 17.23 -4.54 21.02
N ILE B 8 16.57 -4.96 22.09
CA ILE B 8 16.85 -4.45 23.43
C ILE B 8 18.32 -4.67 23.78
N GLY B 15 22.78 3.81 25.43
CA GLY B 15 22.05 4.08 26.65
C GLY B 15 20.62 4.49 26.38
N ILE B 16 19.95 3.76 25.50
CA ILE B 16 18.58 4.05 25.14
C ILE B 16 17.62 3.30 26.07
N ASP B 17 16.65 4.02 26.62
CA ASP B 17 15.69 3.41 27.54
C ASP B 17 14.58 2.64 26.83
N ALA B 18 14.14 3.12 25.68
CA ALA B 18 13.07 2.44 24.96
C ALA B 18 13.05 2.76 23.47
N PHE B 19 12.39 1.90 22.71
CA PHE B 19 12.24 2.08 21.26
C PHE B 19 10.76 2.39 21.04
N LEU B 20 10.50 3.44 20.27
CA LEU B 20 9.14 3.86 19.98
C LEU B 20 8.83 3.77 18.49
N ILE B 21 7.75 3.03 18.18
CA ILE B 21 7.28 2.88 16.81
C ILE B 21 5.96 3.61 16.72
N MET B 22 5.82 4.53 15.76
CA MET B 22 4.57 5.26 15.63
C MET B 22 3.91 4.97 14.29
N ASN B 23 3.12 3.89 14.28
CA ASN B 23 2.42 3.46 13.08
C ASN B 23 1.06 4.15 13.00
N ILE B 24 0.97 5.16 12.15
CA ILE B 24 -0.26 5.91 11.97
C ILE B 24 -0.62 5.87 10.49
N GLU B 25 -1.80 5.34 10.19
CA GLU B 25 -2.24 5.19 8.81
C GLU B 25 -1.18 4.41 8.03
N ASN B 26 -0.65 3.37 8.68
CA ASN B 26 0.37 2.49 8.10
C ASN B 26 1.73 3.15 7.85
N SER B 27 1.99 4.27 8.52
CA SER B 27 3.26 4.99 8.34
C SER B 27 4.48 4.20 8.80
N ALA B 28 4.27 3.20 9.66
CA ALA B 28 5.37 2.36 10.15
C ALA B 28 4.87 0.93 10.27
N ARG B 29 4.16 0.48 9.24
CA ARG B 29 3.58 -0.86 9.24
C ARG B 29 4.58 -1.99 9.30
N ALA B 30 5.66 -1.92 8.51
CA ALA B 30 6.66 -2.97 8.48
C ALA B 30 7.24 -3.25 9.87
N SER B 31 7.61 -2.19 10.57
CA SER B 31 8.20 -2.34 11.90
C SER B 31 7.14 -2.82 12.90
N SER B 32 5.92 -2.32 12.76
CA SER B 32 4.83 -2.74 13.64
C SER B 32 4.63 -4.25 13.49
N VAL B 33 4.56 -4.71 12.24
CA VAL B 33 4.39 -6.13 11.98
C VAL B 33 5.60 -6.92 12.46
N TYR B 34 6.79 -6.47 12.11
CA TYR B 34 8.02 -7.16 12.49
C TYR B 34 8.22 -7.38 13.99
N PHE B 35 8.04 -6.33 14.78
CA PHE B 35 8.26 -6.42 16.22
C PHE B 35 7.10 -6.91 17.08
N SER B 36 5.86 -6.71 16.62
CA SER B 36 4.70 -7.13 17.43
C SER B 36 3.80 -8.18 16.80
N GLY B 37 3.77 -8.25 15.48
CA GLY B 37 2.90 -9.21 14.82
C GLY B 37 1.56 -8.59 14.45
N PHE B 38 1.32 -7.36 14.90
CA PHE B 38 0.08 -6.65 14.60
C PHE B 38 0.06 -6.23 13.13
N THR B 39 -1.08 -6.42 12.47
CA THR B 39 -1.20 -6.10 11.05
C THR B 39 -2.07 -4.90 10.70
N GLY B 40 -2.54 -4.18 11.72
CA GLY B 40 -3.39 -3.03 11.51
C GLY B 40 -2.67 -1.75 11.14
N SER B 41 -3.45 -0.71 10.84
CA SER B 41 -2.91 0.57 10.41
C SER B 41 -2.54 1.53 11.52
N PHE B 42 -3.00 1.28 12.73
CA PHE B 42 -2.72 2.17 13.85
C PHE B 42 -2.16 1.44 15.06
N SER B 43 -0.90 1.71 15.38
CA SER B 43 -0.25 1.10 16.53
C SER B 43 0.93 1.95 16.98
N ILE B 44 0.88 2.36 18.24
CA ILE B 44 1.94 3.14 18.85
C ILE B 44 2.60 2.13 19.78
N ILE B 45 3.78 1.67 19.41
CA ILE B 45 4.48 0.66 20.18
C ILE B 45 5.70 1.14 20.97
N LEU B 46 5.76 0.73 22.22
CA LEU B 46 6.87 1.09 23.09
C LEU B 46 7.54 -0.22 23.54
N ILE B 47 8.84 -0.32 23.30
CA ILE B 47 9.58 -1.53 23.66
C ILE B 47 10.80 -1.19 24.52
N SER B 48 10.90 -1.88 25.66
CA SER B 48 12.02 -1.69 26.57
C SER B 48 12.27 -3.02 27.27
N GLU B 49 13.31 -3.09 28.09
CA GLU B 49 13.63 -4.33 28.79
C GLU B 49 12.46 -4.86 29.63
N ASN B 50 11.63 -3.96 30.15
CA ASN B 50 10.50 -4.37 30.98
C ASN B 50 9.13 -4.02 30.40
N THR B 51 9.11 -3.44 29.21
CA THR B 51 7.85 -3.04 28.60
C THR B 51 7.67 -3.44 27.14
N ARG B 52 6.50 -4.00 26.84
CA ARG B 52 6.10 -4.41 25.50
C ARG B 52 4.67 -3.92 25.41
N LEU B 53 4.52 -2.66 25.04
CA LEU B 53 3.21 -2.02 24.95
C LEU B 53 2.78 -1.62 23.54
N LEU B 54 1.53 -1.89 23.22
CA LEU B 54 0.96 -1.53 21.94
C LEU B 54 -0.31 -0.73 22.22
N ILE B 55 -0.27 0.53 21.81
CA ILE B 55 -1.40 1.45 22.01
C ILE B 55 -2.14 1.57 20.68
N THR B 56 -3.46 1.44 20.71
CA THR B 56 -4.26 1.54 19.49
C THR B 56 -5.66 1.97 19.92
N ASP B 57 -6.63 1.92 19.02
CA ASP B 57 -7.99 2.28 19.41
C ASP B 57 -8.97 1.13 19.15
N SER B 58 -10.25 1.34 19.44
CA SER B 58 -11.25 0.28 19.29
C SER B 58 -11.34 -0.37 17.92
N ARG B 59 -10.78 0.26 16.89
CA ARG B 59 -10.80 -0.34 15.56
C ARG B 59 -9.96 -1.61 15.54
N TYR B 60 -8.98 -1.67 16.43
CA TYR B 60 -8.04 -2.79 16.46
C TYR B 60 -7.79 -3.50 17.77
N THR B 61 -8.44 -3.09 18.85
CA THR B 61 -8.19 -3.72 20.15
C THR B 61 -8.25 -5.25 20.15
N VAL B 62 -9.36 -5.81 19.69
CA VAL B 62 -9.51 -7.26 19.65
C VAL B 62 -8.48 -7.90 18.74
N GLN B 63 -8.31 -7.33 17.55
CA GLN B 63 -7.36 -7.84 16.57
C GLN B 63 -5.94 -7.85 17.13
N ALA B 64 -5.56 -6.75 17.77
CA ALA B 64 -4.23 -6.62 18.34
C ALA B 64 -3.97 -7.70 19.38
N LYS B 65 -4.98 -8.00 20.19
CA LYS B 65 -4.84 -9.01 21.22
C LYS B 65 -4.74 -10.40 20.59
N GLN B 66 -5.33 -10.58 19.42
CA GLN B 66 -5.26 -11.87 18.75
C GLN B 66 -3.90 -12.06 18.09
N GLU B 67 -3.35 -10.96 17.57
CA GLU B 67 -2.08 -11.01 16.85
C GLU B 67 -0.77 -10.80 17.59
N THR B 68 -0.81 -10.22 18.79
CA THR B 68 0.41 -9.99 19.54
C THR B 68 0.31 -10.48 20.98
N ASP B 69 1.50 -10.65 21.62
CA ASP B 69 1.51 -10.93 23.06
C ASP B 69 1.89 -9.69 23.87
N PHE B 70 1.95 -8.55 23.16
CA PHE B 70 2.14 -7.22 23.77
C PHE B 70 0.99 -6.87 24.70
N GLU B 71 1.27 -6.11 25.77
CA GLU B 71 0.16 -5.51 26.48
C GLU B 71 -0.57 -4.55 25.54
N VAL B 72 -1.88 -4.71 25.34
CA VAL B 72 -2.63 -3.82 24.45
C VAL B 72 -3.37 -2.75 25.24
N ARG B 73 -3.10 -1.49 24.89
CA ARG B 73 -3.71 -0.33 25.54
C ARG B 73 -4.62 0.37 24.53
N GLU B 74 -5.85 0.64 24.93
CA GLU B 74 -6.78 1.32 24.03
C GLU B 74 -7.00 2.78 24.42
N VAL B 75 -6.84 3.67 23.45
CA VAL B 75 -7.05 5.09 23.68
C VAL B 75 -8.54 5.33 23.49
N LYS B 76 -9.24 5.55 24.59
CA LYS B 76 -10.67 5.75 24.55
C LYS B 76 -11.08 7.22 24.58
N GLY B 77 -10.10 8.10 24.79
CA GLY B 77 -10.41 9.52 24.83
C GLY B 77 -9.19 10.40 24.56
N GLY B 78 -9.44 11.57 24.00
CA GLY B 78 -8.35 12.50 23.71
C GLY B 78 -7.37 12.04 22.66
N ASP B 79 -6.20 12.66 22.68
CA ASP B 79 -5.12 12.37 21.74
C ASP B 79 -4.26 11.23 22.26
N PHE B 80 -3.83 10.34 21.37
CA PHE B 80 -3.00 9.22 21.78
C PHE B 80 -1.64 9.71 22.27
N ILE B 81 -1.25 10.91 21.86
CA ILE B 81 0.02 11.46 22.28
C ILE B 81 0.02 11.73 23.79
N ASP B 82 -1.13 12.11 24.33
CA ASP B 82 -1.23 12.37 25.76
C ASP B 82 -1.10 11.07 26.55
N VAL B 83 -1.64 9.98 25.99
CA VAL B 83 -1.53 8.69 26.66
C VAL B 83 -0.07 8.26 26.58
N LEU B 84 0.55 8.46 25.42
CA LEU B 84 1.94 8.11 25.22
C LEU B 84 2.81 8.91 26.16
N LYS B 85 2.51 10.21 26.28
CA LYS B 85 3.26 11.09 27.17
C LYS B 85 3.15 10.59 28.60
N LYS B 86 1.93 10.25 29.01
CA LYS B 86 1.68 9.75 30.36
C LYS B 86 2.53 8.50 30.60
N THR B 87 2.57 7.62 29.60
CA THR B 87 3.32 6.38 29.71
C THR B 87 4.83 6.58 29.84
N VAL B 88 5.41 7.42 28.97
CA VAL B 88 6.84 7.64 29.04
C VAL B 88 7.24 8.28 30.37
N ASN B 89 6.38 9.14 30.90
CA ASN B 89 6.66 9.79 32.18
C ASN B 89 6.53 8.80 33.34
N ASP B 90 5.49 7.97 33.32
CA ASP B 90 5.31 6.99 34.38
C ASP B 90 6.44 5.96 34.42
N LEU B 91 6.97 5.63 33.24
CA LEU B 91 8.05 4.66 33.14
C LEU B 91 9.43 5.28 33.31
N LYS B 92 9.48 6.60 33.44
CA LYS B 92 10.74 7.32 33.61
C LYS B 92 11.68 7.10 32.44
N ILE B 93 11.14 7.08 31.23
CA ILE B 93 11.95 6.91 30.02
C ILE B 93 12.48 8.28 29.63
N LYS B 94 13.80 8.38 29.47
CA LYS B 94 14.43 9.65 29.11
C LYS B 94 15.04 9.66 27.72
N THR B 95 15.58 8.52 27.27
CA THR B 95 16.18 8.44 25.94
C THR B 95 15.36 7.47 25.10
N ILE B 96 14.91 7.94 23.95
CA ILE B 96 14.06 7.15 23.07
C ILE B 96 14.66 6.88 21.69
N ALA B 97 14.60 5.62 21.27
CA ALA B 97 15.11 5.25 19.95
C ALA B 97 13.97 5.36 18.96
N LEU B 98 14.27 5.82 17.75
CA LEU B 98 13.27 5.97 16.70
C LEU B 98 13.83 5.56 15.34
N GLU B 99 12.94 5.23 14.43
CA GLU B 99 13.35 4.95 13.05
C GLU B 99 12.96 6.30 12.45
N GLU B 100 13.92 7.21 12.42
CA GLU B 100 13.64 8.57 11.97
C GLU B 100 13.33 8.66 10.46
N GLU B 101 13.55 7.54 9.74
CA GLU B 101 13.08 7.50 8.35
C GLU B 101 11.58 7.17 8.28
N ARG B 102 11.02 6.82 9.45
CA ARG B 102 9.63 6.37 9.55
C ARG B 102 8.81 7.26 10.50
N VAL B 103 9.19 8.51 10.67
CA VAL B 103 8.46 9.45 11.52
C VAL B 103 8.50 10.76 10.75
N SER B 104 7.33 11.36 10.50
CA SER B 104 7.29 12.62 9.76
C SER B 104 7.86 13.76 10.58
N LEU B 105 8.28 14.81 9.89
CA LEU B 105 8.83 15.97 10.56
C LEU B 105 7.80 16.56 11.51
N SER B 106 6.57 16.70 11.04
CA SER B 106 5.49 17.25 11.86
C SER B 106 5.21 16.39 13.09
N LEU B 107 5.19 15.08 12.91
CA LEU B 107 4.92 14.20 14.04
C LEU B 107 6.05 14.29 15.06
N PHE B 108 7.28 14.42 14.59
CA PHE B 108 8.42 14.52 15.49
C PHE B 108 8.30 15.77 16.34
N ARG B 109 7.81 16.85 15.74
CA ARG B 109 7.65 18.11 16.46
C ARG B 109 6.62 17.88 17.57
N ARG B 110 5.51 17.24 17.23
CA ARG B 110 4.48 16.99 18.21
C ARG B 110 4.95 16.16 19.41
N ILE B 111 5.69 15.08 19.17
CA ILE B 111 6.16 14.28 20.30
C ILE B 111 7.27 15.01 21.06
N SER B 112 8.07 15.80 20.35
CA SER B 112 9.14 16.55 21.01
C SER B 112 8.54 17.47 22.06
N SER B 113 7.51 18.22 21.66
CA SER B 113 6.84 19.15 22.56
C SER B 113 6.11 18.44 23.69
N ALA B 114 5.54 17.28 23.40
CA ALA B 114 4.81 16.52 24.40
C ALA B 114 5.75 15.93 25.46
N PHE B 115 6.84 15.33 25.02
CA PHE B 115 7.78 14.73 25.97
C PHE B 115 8.67 15.77 26.62
N GLY B 116 8.74 16.95 26.00
CA GLY B 116 9.52 18.04 26.54
C GLY B 116 11.03 17.90 26.64
N ASP B 117 11.50 17.05 27.55
CA ASP B 117 12.93 16.87 27.80
C ASP B 117 13.65 15.72 27.09
N ARG B 118 12.92 14.72 26.62
CA ARG B 118 13.52 13.55 25.98
C ARG B 118 14.59 13.71 24.90
N LYS B 119 15.50 12.75 24.88
CA LYS B 119 16.58 12.70 23.89
C LYS B 119 16.17 11.60 22.90
N PHE B 120 16.39 11.86 21.61
CA PHE B 120 16.04 10.90 20.58
C PHE B 120 17.26 10.40 19.81
N ILE B 121 17.29 9.11 19.51
CA ILE B 121 18.39 8.51 18.78
C ILE B 121 17.86 7.65 17.64
N GLY B 122 18.34 7.88 16.43
CA GLY B 122 17.90 7.10 15.29
C GLY B 122 18.56 5.73 15.25
N ILE B 123 17.77 4.69 15.01
CA ILE B 123 18.30 3.33 14.93
C ILE B 123 17.87 2.62 13.65
N ASP B 124 17.60 3.41 12.62
CA ASP B 124 17.17 2.88 11.34
C ASP B 124 18.11 1.80 10.79
N ASP B 125 19.41 2.07 10.80
CA ASP B 125 20.37 1.10 10.29
C ASP B 125 20.34 -0.21 11.05
N GLU B 126 20.21 -0.15 12.38
CA GLU B 126 20.16 -1.36 13.19
C GLU B 126 18.93 -2.20 12.86
N VAL B 127 17.78 -1.55 12.67
CA VAL B 127 16.57 -2.28 12.36
C VAL B 127 16.68 -2.94 10.98
N LYS B 128 17.25 -2.22 10.02
CA LYS B 128 17.44 -2.78 8.68
C LYS B 128 18.35 -4.00 8.76
N GLN B 129 19.37 -3.94 9.60
CA GLN B 129 20.29 -5.06 9.75
C GLN B 129 19.56 -6.28 10.32
N MET B 130 18.60 -6.04 11.22
CA MET B 130 17.84 -7.14 11.80
C MET B 130 16.98 -7.81 10.73
N ARG B 131 16.24 -7.00 9.98
CA ARG B 131 15.36 -7.54 8.95
C ARG B 131 16.12 -8.21 7.80
N MET B 132 17.39 -7.86 7.63
CA MET B 132 18.14 -8.46 6.52
C MET B 132 18.41 -9.95 6.68
N VAL B 133 18.47 -10.43 7.93
CA VAL B 133 18.70 -11.84 8.19
C VAL B 133 17.37 -12.43 8.67
N LYS B 134 16.77 -13.26 7.84
CA LYS B 134 15.48 -13.85 8.17
C LYS B 134 15.53 -15.05 9.09
N ASP B 135 14.50 -15.23 9.90
CA ASP B 135 14.44 -16.41 10.73
C ASP B 135 13.58 -17.40 9.95
N GLU B 136 13.57 -18.65 10.36
CA GLU B 136 12.82 -19.66 9.64
C GLU B 136 11.34 -19.34 9.43
N GLY B 137 10.72 -18.70 10.42
CA GLY B 137 9.31 -18.38 10.29
C GLY B 137 9.04 -17.43 9.13
N GLU B 138 9.94 -16.49 8.93
CA GLU B 138 9.80 -15.53 7.84
C GLU B 138 9.98 -16.23 6.51
N ILE B 139 10.98 -17.11 6.44
CA ILE B 139 11.23 -17.84 5.21
C ILE B 139 10.02 -18.70 4.84
N GLU B 140 9.34 -19.24 5.86
CA GLU B 140 8.16 -20.06 5.59
C GLU B 140 7.06 -19.19 4.96
N LYS B 141 6.92 -17.96 5.43
CA LYS B 141 5.90 -17.06 4.90
C LYS B 141 6.26 -16.66 3.46
N ILE B 142 7.53 -16.42 3.22
CA ILE B 142 7.98 -16.05 1.87
C ILE B 142 7.74 -17.24 0.95
N LYS B 143 8.00 -18.44 1.46
CA LYS B 143 7.78 -19.65 0.67
C LYS B 143 6.31 -19.79 0.30
N GLN B 144 5.43 -19.43 1.23
CA GLN B 144 4.00 -19.52 0.98
C GLN B 144 3.57 -18.50 -0.07
N ALA B 145 4.13 -17.30 0.01
CA ALA B 145 3.79 -16.26 -0.96
C ALA B 145 4.20 -16.75 -2.34
N ILE B 146 5.34 -17.44 -2.40
CA ILE B 146 5.85 -17.98 -3.65
C ILE B 146 4.95 -19.12 -4.16
N GLU B 147 4.54 -20.00 -3.26
CA GLU B 147 3.69 -21.11 -3.68
C GLU B 147 2.37 -20.60 -4.27
N ILE B 148 1.79 -19.60 -3.62
CA ILE B 148 0.55 -19.01 -4.12
C ILE B 148 0.81 -18.42 -5.51
N SER B 149 1.93 -17.72 -5.64
CA SER B 149 2.30 -17.09 -6.90
C SER B 149 2.46 -18.09 -8.03
N GLU B 150 3.17 -19.19 -7.75
CA GLU B 150 3.42 -20.21 -8.76
C GLU B 150 2.16 -20.98 -9.17
N ARG B 151 1.31 -21.33 -8.21
CA ARG B 151 0.08 -22.03 -8.54
C ARG B 151 -0.74 -21.15 -9.48
N ALA B 152 -0.86 -19.87 -9.11
CA ALA B 152 -1.64 -18.93 -9.91
C ALA B 152 -1.03 -18.76 -11.31
N PHE B 153 0.29 -18.75 -11.38
CA PHE B 153 0.98 -18.62 -12.65
C PHE B 153 0.65 -19.78 -13.60
N LEU B 154 0.77 -21.02 -13.12
CA LEU B 154 0.49 -22.18 -13.95
C LEU B 154 -0.97 -22.19 -14.43
N GLU B 155 -1.90 -21.77 -13.57
CA GLU B 155 -3.31 -21.74 -13.95
C GLU B 155 -3.55 -20.64 -14.98
N THR B 156 -2.85 -19.52 -14.81
CA THR B 156 -3.02 -18.39 -15.71
C THR B 156 -2.42 -18.64 -17.09
N VAL B 157 -1.22 -19.22 -17.14
CA VAL B 157 -0.60 -19.44 -18.45
C VAL B 157 -1.43 -20.30 -19.38
N GLN B 158 -2.21 -21.23 -18.82
CA GLN B 158 -3.03 -22.10 -19.66
C GLN B 158 -4.29 -21.40 -20.16
N GLN B 159 -4.49 -20.16 -19.72
CA GLN B 159 -5.65 -19.37 -20.13
C GLN B 159 -5.24 -18.23 -21.04
N ILE B 160 -3.93 -18.06 -21.25
CA ILE B 160 -3.48 -16.98 -22.11
C ILE B 160 -3.93 -17.23 -23.55
N ARG B 161 -4.48 -16.19 -24.16
CA ARG B 161 -4.96 -16.26 -25.54
C ARG B 161 -4.32 -15.18 -26.39
N ALA B 162 -3.96 -15.53 -27.62
CA ALA B 162 -3.40 -14.55 -28.53
C ALA B 162 -4.53 -13.54 -28.67
N GLY B 163 -4.20 -12.26 -28.68
CA GLY B 163 -5.24 -11.25 -28.80
C GLY B 163 -5.49 -10.51 -27.50
N MET B 164 -5.12 -11.13 -26.39
CA MET B 164 -5.29 -10.50 -25.08
C MET B 164 -4.24 -9.42 -24.92
N THR B 165 -4.51 -8.41 -24.11
CA THR B 165 -3.52 -7.37 -23.88
C THR B 165 -2.66 -7.80 -22.69
N GLU B 166 -1.52 -7.13 -22.53
CA GLU B 166 -0.64 -7.44 -21.42
C GLU B 166 -1.37 -7.17 -20.11
N LYS B 167 -2.13 -6.08 -20.06
CA LYS B 167 -2.89 -5.75 -18.87
C LYS B 167 -3.94 -6.79 -18.53
N GLU B 168 -4.56 -7.39 -19.54
CA GLU B 168 -5.56 -8.43 -19.29
C GLU B 168 -4.91 -9.65 -18.65
N ILE B 169 -3.71 -9.99 -19.12
CA ILE B 169 -3.01 -11.13 -18.56
C ILE B 169 -2.61 -10.82 -17.11
N ALA B 170 -2.12 -9.62 -16.88
CA ALA B 170 -1.72 -9.21 -15.54
C ALA B 170 -2.91 -9.26 -14.57
N ALA B 171 -4.05 -8.74 -15.01
CA ALA B 171 -5.25 -8.74 -14.17
C ALA B 171 -5.72 -10.15 -13.85
N LEU B 172 -5.66 -11.05 -14.84
CA LEU B 172 -6.08 -12.43 -14.63
C LEU B 172 -5.14 -13.10 -13.63
N LEU B 173 -3.85 -12.85 -13.76
CA LEU B 173 -2.88 -13.46 -12.84
C LEU B 173 -3.11 -12.97 -11.42
N GLU B 174 -3.34 -11.67 -11.27
CA GLU B 174 -3.56 -11.11 -9.93
C GLU B 174 -4.85 -11.61 -9.30
N TYR B 175 -5.88 -11.82 -10.12
CA TYR B 175 -7.15 -12.34 -9.64
C TYR B 175 -6.95 -13.77 -9.14
N THR B 176 -6.21 -14.56 -9.91
CA THR B 176 -5.97 -15.94 -9.57
C THR B 176 -5.11 -16.04 -8.30
N MET B 177 -4.14 -15.13 -8.14
CA MET B 177 -3.32 -15.16 -6.93
C MET B 177 -4.21 -14.88 -5.72
N ARG B 178 -5.09 -13.91 -5.86
CA ARG B 178 -5.99 -13.54 -4.77
C ARG B 178 -6.88 -14.73 -4.39
N LYS B 179 -7.46 -15.38 -5.38
CA LYS B 179 -8.34 -16.51 -5.06
C LYS B 179 -7.52 -17.70 -4.53
N GLU B 180 -6.22 -17.71 -4.82
CA GLU B 180 -5.35 -18.79 -4.35
C GLU B 180 -4.85 -18.52 -2.92
N GLY B 181 -5.22 -17.36 -2.36
CA GLY B 181 -4.80 -17.04 -1.01
C GLY B 181 -3.92 -15.82 -0.81
N ALA B 182 -3.59 -15.11 -1.87
CA ALA B 182 -2.75 -13.93 -1.71
C ALA B 182 -3.45 -12.83 -0.89
N GLU B 183 -2.68 -12.22 0.03
CA GLU B 183 -3.17 -11.06 0.77
C GLU B 183 -3.26 -9.84 -0.16
N GLY B 184 -2.39 -9.87 -1.20
CA GLY B 184 -2.38 -8.84 -2.22
C GLY B 184 -1.21 -9.10 -3.17
N VAL B 185 -0.80 -8.05 -3.89
CA VAL B 185 0.39 -8.23 -4.71
C VAL B 185 1.57 -7.44 -4.15
N ALA B 186 2.77 -8.00 -4.26
CA ALA B 186 3.99 -7.33 -3.80
C ALA B 186 4.26 -6.07 -4.60
N PHE B 187 3.86 -6.09 -5.87
CA PHE B 187 4.04 -4.98 -6.78
C PHE B 187 3.14 -5.23 -7.98
N ASP B 188 2.86 -4.20 -8.75
CA ASP B 188 2.00 -4.39 -9.91
C ASP B 188 2.64 -5.34 -10.90
N THR B 189 1.92 -6.40 -11.23
CA THR B 189 2.39 -7.41 -12.14
C THR B 189 2.87 -6.81 -13.45
N ILE B 190 4.04 -7.26 -13.88
CA ILE B 190 4.62 -6.79 -15.13
C ILE B 190 4.42 -7.86 -16.19
N VAL B 191 3.89 -7.45 -17.33
CA VAL B 191 3.70 -8.35 -18.47
C VAL B 191 4.19 -7.54 -19.65
N ALA B 192 5.36 -7.91 -20.18
CA ALA B 192 5.96 -7.20 -21.30
C ALA B 192 6.11 -8.16 -22.46
N SER B 193 5.42 -7.88 -23.56
CA SER B 193 5.44 -8.76 -24.72
C SER B 193 6.09 -8.16 -25.97
N GLY B 194 6.61 -9.05 -26.81
CA GLY B 194 7.26 -8.61 -28.04
C GLY B 194 8.41 -7.66 -27.76
N CYS B 195 8.48 -6.59 -28.54
CA CYS B 195 9.54 -5.61 -28.37
C CYS B 195 9.56 -5.01 -26.96
N ARG B 196 8.40 -5.00 -26.29
CA ARG B 196 8.35 -4.44 -24.95
C ARG B 196 9.11 -5.29 -23.93
N SER B 197 9.26 -6.59 -24.25
CA SER B 197 10.01 -7.44 -23.33
C SER B 197 11.48 -7.02 -23.24
N ALA B 198 11.90 -6.24 -24.26
CA ALA B 198 13.26 -5.71 -24.26
C ALA B 198 13.40 -4.51 -23.31
N LEU B 199 12.29 -4.13 -22.68
CA LEU B 199 12.27 -3.04 -21.72
C LEU B 199 12.41 -3.63 -20.33
N PRO B 200 13.59 -3.47 -19.72
CA PRO B 200 13.86 -4.00 -18.37
C PRO B 200 12.77 -3.62 -17.38
N HIS B 201 12.22 -2.42 -17.52
CA HIS B 201 11.19 -1.96 -16.61
C HIS B 201 9.84 -1.72 -17.28
N GLY B 202 9.69 -2.21 -18.51
CA GLY B 202 8.44 -2.03 -19.22
C GLY B 202 7.28 -2.59 -18.41
N LYS B 203 6.27 -1.76 -18.17
CA LYS B 203 5.10 -2.18 -17.40
C LYS B 203 3.99 -2.71 -18.30
N ALA B 204 3.02 -3.41 -17.72
CA ALA B 204 1.90 -3.96 -18.48
C ALA B 204 1.15 -2.85 -19.18
N SER B 205 0.92 -3.01 -20.48
CA SER B 205 0.22 -1.99 -21.26
C SER B 205 -0.95 -2.60 -22.04
N ASP B 206 -1.57 -1.79 -22.89
CA ASP B 206 -2.68 -2.26 -23.68
C ASP B 206 -2.21 -3.02 -24.92
N LYS B 207 -0.90 -3.19 -25.05
CA LYS B 207 -0.36 -3.91 -26.20
C LYS B 207 -0.91 -5.32 -26.26
N VAL B 208 -1.34 -5.73 -27.45
CA VAL B 208 -1.88 -7.07 -27.66
C VAL B 208 -0.75 -8.08 -27.83
N VAL B 209 -0.87 -9.23 -27.17
CA VAL B 209 0.13 -10.29 -27.28
C VAL B 209 -0.21 -11.13 -28.51
N GLU B 210 0.79 -11.41 -29.34
CA GLU B 210 0.60 -12.17 -30.57
C GLU B 210 1.41 -13.46 -30.57
N ARG B 211 1.09 -14.34 -31.52
CA ARG B 211 1.84 -15.57 -31.64
C ARG B 211 3.30 -15.22 -31.90
N GLY B 212 4.21 -15.95 -31.26
CA GLY B 212 5.62 -15.70 -31.45
C GLY B 212 6.20 -14.65 -30.54
N ASP B 213 5.34 -13.90 -29.86
CA ASP B 213 5.82 -12.86 -28.94
C ASP B 213 6.48 -13.45 -27.72
N VAL B 214 7.59 -12.84 -27.31
CA VAL B 214 8.25 -13.28 -26.09
C VAL B 214 7.43 -12.53 -25.04
N ILE B 215 7.01 -13.22 -23.97
CA ILE B 215 6.24 -12.57 -22.92
C ILE B 215 6.96 -12.74 -21.58
N VAL B 216 7.51 -11.65 -21.07
CA VAL B 216 8.19 -11.69 -19.78
C VAL B 216 7.14 -11.33 -18.74
N ILE B 217 6.99 -12.19 -17.74
CA ILE B 217 6.02 -11.96 -16.68
C ILE B 217 6.75 -11.93 -15.35
N ASP B 218 6.71 -10.78 -14.68
CA ASP B 218 7.35 -10.56 -13.38
C ASP B 218 6.18 -10.34 -12.42
N PHE B 219 6.07 -11.22 -11.44
CA PHE B 219 4.94 -11.17 -10.51
C PHE B 219 5.30 -11.63 -9.11
N GLY B 220 4.40 -11.36 -8.18
CA GLY B 220 4.63 -11.78 -6.81
C GLY B 220 3.48 -11.45 -5.88
N ALA B 221 3.01 -12.46 -5.18
CA ALA B 221 1.91 -12.27 -4.24
C ALA B 221 2.52 -11.95 -2.88
N THR B 222 1.69 -11.45 -1.98
CA THR B 222 2.12 -11.17 -0.62
C THR B 222 1.30 -12.12 0.23
N TYR B 223 1.92 -12.68 1.26
CA TYR B 223 1.23 -13.58 2.17
C TYR B 223 1.72 -13.27 3.56
N GLU B 224 0.80 -12.98 4.46
CA GLU B 224 1.15 -12.65 5.83
C GLU B 224 2.26 -11.61 5.85
N ASN B 225 2.11 -10.61 4.99
CA ASN B 225 3.01 -9.48 4.85
C ASN B 225 4.38 -9.70 4.23
N TYR B 226 4.63 -10.91 3.74
CA TYR B 226 5.90 -11.20 3.10
C TYR B 226 5.70 -11.30 1.59
N CYS B 227 6.74 -11.00 0.83
CA CYS B 227 6.65 -10.97 -0.62
C CYS B 227 7.41 -12.00 -1.44
N ALA B 228 6.89 -12.26 -2.64
CA ALA B 228 7.52 -13.15 -3.59
C ALA B 228 7.89 -12.23 -4.76
N ASP B 229 8.88 -12.63 -5.55
CA ASP B 229 9.28 -11.83 -6.70
C ASP B 229 9.82 -12.83 -7.71
N ILE B 230 8.97 -13.18 -8.68
CA ILE B 230 9.31 -14.19 -9.68
C ILE B 230 9.19 -13.66 -11.11
N THR B 231 10.09 -14.12 -11.99
CA THR B 231 10.02 -13.73 -13.40
C THR B 231 10.22 -14.98 -14.25
N ARG B 232 9.33 -15.18 -15.20
CA ARG B 232 9.40 -16.32 -16.11
C ARG B 232 9.01 -15.83 -17.50
N VAL B 233 9.32 -16.64 -18.51
CA VAL B 233 9.03 -16.31 -19.89
C VAL B 233 7.99 -17.24 -20.50
N VAL B 234 7.03 -16.65 -21.20
CA VAL B 234 5.96 -17.40 -21.85
C VAL B 234 6.02 -17.07 -23.34
N SER B 235 5.59 -18.01 -24.18
CA SER B 235 5.56 -17.80 -25.60
C SER B 235 4.35 -18.49 -26.18
N ILE B 236 3.60 -17.80 -27.03
CA ILE B 236 2.46 -18.42 -27.66
C ILE B 236 3.07 -19.09 -28.90
N GLY B 237 3.17 -20.42 -28.83
CA GLY B 237 3.76 -21.17 -29.92
C GLY B 237 5.26 -21.30 -29.70
N GLU B 238 5.86 -22.28 -30.36
CA GLU B 238 7.30 -22.51 -30.24
CA GLU B 238 7.30 -22.52 -30.26
C GLU B 238 8.08 -21.25 -30.55
N PRO B 239 9.02 -20.88 -29.67
CA PRO B 239 9.82 -19.68 -29.90
C PRO B 239 10.89 -19.89 -30.96
N SER B 240 11.35 -18.78 -31.55
CA SER B 240 12.38 -18.83 -32.59
C SER B 240 13.69 -19.36 -32.01
N ASP B 241 14.60 -19.76 -32.91
CA ASP B 241 15.88 -20.28 -32.47
C ASP B 241 16.67 -19.22 -31.74
N GLU B 242 16.50 -17.96 -32.15
CA GLU B 242 17.23 -16.87 -31.49
C GLU B 242 16.73 -16.69 -30.06
N VAL B 243 15.42 -16.70 -29.89
CA VAL B 243 14.84 -16.53 -28.56
C VAL B 243 15.33 -17.68 -27.68
N LYS B 244 15.41 -18.88 -28.25
CA LYS B 244 15.87 -20.03 -27.51
C LYS B 244 17.33 -19.87 -27.10
N GLU B 245 18.13 -19.29 -27.98
CA GLU B 245 19.55 -19.09 -27.68
C GLU B 245 19.75 -18.06 -26.57
N VAL B 246 19.10 -16.91 -26.69
CA VAL B 246 19.23 -15.87 -25.68
C VAL B 246 18.74 -16.38 -24.33
N HIS B 247 17.61 -17.10 -24.34
CA HIS B 247 17.08 -17.65 -23.09
C HIS B 247 18.09 -18.62 -22.48
N SER B 248 18.73 -19.43 -23.32
CA SER B 248 19.73 -20.39 -22.84
C SER B 248 20.87 -19.66 -22.14
N ILE B 249 21.31 -18.55 -22.71
CA ILE B 249 22.40 -17.78 -22.13
C ILE B 249 22.00 -17.15 -20.79
N VAL B 250 20.80 -16.57 -20.73
CA VAL B 250 20.34 -15.97 -19.48
C VAL B 250 20.28 -17.03 -18.39
N LEU B 251 19.75 -18.20 -18.72
CA LEU B 251 19.64 -19.29 -17.76
C LEU B 251 21.01 -19.77 -17.28
N GLU B 252 21.94 -19.93 -18.20
CA GLU B 252 23.28 -20.38 -17.86
C GLU B 252 23.98 -19.35 -16.97
N ALA B 253 23.75 -18.07 -17.25
CA ALA B 253 24.34 -17.00 -16.44
C ALA B 253 23.78 -17.09 -15.03
N GLN B 254 22.47 -17.33 -14.93
CA GLN B 254 21.82 -17.44 -13.63
C GLN B 254 22.39 -18.62 -12.86
N GLU B 255 22.59 -19.74 -13.56
CA GLU B 255 23.12 -20.95 -12.93
C GLU B 255 24.54 -20.74 -12.41
N ARG B 256 25.34 -19.97 -13.14
CA ARG B 256 26.72 -19.70 -12.72
C ARG B 256 26.74 -18.97 -11.38
N ALA B 257 25.82 -18.03 -11.20
CA ALA B 257 25.76 -17.27 -9.96
C ALA B 257 25.19 -18.14 -8.83
N LEU B 258 24.15 -18.89 -9.11
CA LEU B 258 23.54 -19.74 -8.09
C LEU B 258 24.51 -20.82 -7.62
N LYS B 259 25.34 -21.31 -8.53
CA LYS B 259 26.31 -22.35 -8.22
C LYS B 259 27.33 -21.96 -7.13
N ILE B 260 27.70 -20.69 -7.09
CA ILE B 260 28.68 -20.24 -6.09
C ILE B 260 28.06 -19.48 -4.93
N ALA B 261 26.73 -19.38 -4.91
CA ALA B 261 26.05 -18.63 -3.85
C ALA B 261 26.04 -19.40 -2.53
N LYS B 262 26.71 -18.84 -1.52
CA LYS B 262 26.75 -19.44 -0.19
C LYS B 262 27.17 -18.35 0.80
N ALA B 263 26.92 -18.59 2.09
CA ALA B 263 27.27 -17.60 3.11
C ALA B 263 28.72 -17.16 2.97
N GLY B 264 28.94 -15.85 3.03
CA GLY B 264 30.30 -15.33 2.92
C GLY B 264 30.61 -14.71 1.56
N VAL B 265 29.87 -15.12 0.54
CA VAL B 265 30.08 -14.59 -0.80
C VAL B 265 29.58 -13.16 -0.85
N THR B 266 30.07 -12.39 -1.82
CA THR B 266 29.62 -11.01 -1.98
C THR B 266 28.67 -10.87 -3.16
N GLY B 267 27.76 -9.89 -3.05
CA GLY B 267 26.88 -9.62 -4.18
C GLY B 267 27.69 -9.19 -5.40
N LYS B 268 28.83 -8.53 -5.11
CA LYS B 268 29.70 -8.08 -6.19
C LYS B 268 30.21 -9.26 -7.03
N LEU B 269 30.59 -10.35 -6.39
CA LEU B 269 31.08 -11.51 -7.13
C LEU B 269 29.94 -12.21 -7.87
N LEU B 270 28.79 -12.35 -7.22
CA LEU B 270 27.66 -13.00 -7.87
C LEU B 270 27.29 -12.25 -9.14
N ASP B 271 27.24 -10.92 -9.04
CA ASP B 271 26.91 -10.07 -10.17
C ASP B 271 27.98 -10.22 -11.25
N SER B 272 29.24 -10.22 -10.83
CA SER B 272 30.35 -10.36 -11.77
C SER B 272 30.38 -11.66 -12.55
N VAL B 273 30.13 -12.79 -11.91
CA VAL B 273 30.17 -14.06 -12.63
C VAL B 273 29.04 -14.15 -13.65
N ALA B 274 27.85 -13.64 -13.30
CA ALA B 274 26.73 -13.67 -14.24
C ALA B 274 27.04 -12.74 -15.41
N ARG B 275 27.52 -11.54 -15.09
CA ARG B 275 27.84 -10.55 -16.10
C ARG B 275 28.96 -11.02 -17.04
N GLU B 276 29.99 -11.63 -16.47
CA GLU B 276 31.11 -12.11 -17.28
C GLU B 276 30.65 -13.16 -18.29
N PHE B 277 29.81 -14.10 -17.83
CA PHE B 277 29.32 -15.13 -18.72
C PHE B 277 28.58 -14.52 -19.91
N ILE B 278 27.69 -13.58 -19.62
CA ILE B 278 26.92 -12.91 -20.65
C ILE B 278 27.83 -12.17 -21.61
N ARG B 279 28.89 -11.56 -21.07
CA ARG B 279 29.83 -10.82 -21.90
C ARG B 279 30.59 -11.77 -22.82
N GLU B 280 31.03 -12.90 -22.28
CA GLU B 280 31.76 -13.89 -23.06
C GLU B 280 30.89 -14.44 -24.20
N LYS B 281 29.58 -14.46 -23.98
CA LYS B 281 28.65 -14.96 -24.97
C LYS B 281 28.28 -13.91 -26.01
N GLY B 282 28.81 -12.70 -25.85
CA GLY B 282 28.55 -11.64 -26.80
C GLY B 282 27.37 -10.72 -26.54
N TYR B 283 26.83 -10.74 -25.33
CA TYR B 283 25.68 -9.89 -25.01
C TYR B 283 25.94 -8.89 -23.88
N GLY B 284 27.22 -8.69 -23.58
CA GLY B 284 27.59 -7.76 -22.51
C GLY B 284 26.94 -6.38 -22.56
N GLU B 285 26.68 -5.89 -23.75
CA GLU B 285 26.08 -4.56 -23.91
C GLU B 285 24.58 -4.54 -23.66
N PHE B 286 23.97 -5.71 -23.52
CA PHE B 286 22.53 -5.80 -23.31
C PHE B 286 22.16 -6.34 -21.93
N PHE B 287 23.15 -6.55 -21.08
CA PHE B 287 22.96 -7.03 -19.72
C PHE B 287 22.26 -5.98 -18.85
N GLY B 288 21.50 -6.49 -17.85
CA GLY B 288 20.84 -5.58 -16.94
C GLY B 288 21.85 -4.75 -16.15
N HIS B 289 21.34 -4.04 -15.12
CA HIS B 289 22.23 -3.22 -14.31
C HIS B 289 22.58 -3.89 -12.98
N SER B 290 21.63 -4.65 -12.42
CA SER B 290 21.85 -5.32 -11.14
C SER B 290 21.42 -6.77 -11.28
N LEU B 291 22.01 -7.66 -10.49
CA LEU B 291 21.65 -9.08 -10.57
C LEU B 291 20.47 -9.44 -9.69
N GLY B 292 20.27 -8.68 -8.62
CA GLY B 292 19.16 -8.97 -7.73
C GLY B 292 19.01 -8.02 -6.56
N HIS B 293 18.02 -8.29 -5.72
CA HIS B 293 17.73 -7.46 -4.55
C HIS B 293 17.09 -8.30 -3.46
N GLY B 294 17.18 -7.84 -2.22
CA GLY B 294 16.57 -8.59 -1.15
C GLY B 294 15.07 -8.44 -1.12
N ILE B 295 14.41 -9.36 -0.44
CA ILE B 295 12.96 -9.32 -0.29
C ILE B 295 12.63 -9.70 1.14
N GLY B 296 11.46 -9.30 1.59
CA GLY B 296 10.96 -9.58 2.94
C GLY B 296 9.58 -8.96 3.14
N LEU B 297 9.47 -8.10 4.16
CA LEU B 297 8.20 -7.39 4.37
C LEU B 297 7.93 -6.39 3.24
N GLU B 298 9.03 -6.08 2.49
CA GLU B 298 8.95 -5.23 1.31
C GLU B 298 9.57 -5.92 0.11
N VAL B 299 9.20 -5.48 -1.11
CA VAL B 299 9.76 -6.12 -2.31
C VAL B 299 11.22 -5.73 -2.55
N HIS B 300 11.60 -4.53 -2.11
CA HIS B 300 12.96 -4.06 -2.30
C HIS B 300 13.62 -3.68 -0.99
N GLU B 301 14.49 -4.55 -0.50
CA GLU B 301 15.22 -4.32 0.73
C GLU B 301 16.57 -5.03 0.59
N GLY B 302 17.44 -4.90 1.60
CA GLY B 302 18.75 -5.52 1.52
C GLY B 302 18.73 -7.03 1.51
N PRO B 303 19.78 -7.68 0.97
CA PRO B 303 20.97 -7.09 0.37
C PRO B 303 20.84 -6.81 -1.13
N ALA B 304 21.56 -5.80 -1.60
CA ALA B 304 21.56 -5.48 -3.02
C ALA B 304 22.61 -6.39 -3.66
N ILE B 305 22.21 -7.13 -4.68
CA ILE B 305 23.15 -8.03 -5.36
C ILE B 305 23.67 -7.27 -6.56
N SER B 306 24.61 -6.36 -6.30
CA SER B 306 25.18 -5.53 -7.35
C SER B 306 26.69 -5.39 -7.22
N PHE B 307 27.29 -4.77 -8.23
CA PHE B 307 28.72 -4.55 -8.29
C PHE B 307 29.22 -3.65 -7.15
N ARG B 308 28.35 -2.76 -6.67
CA ARG B 308 28.72 -1.82 -5.60
C ARG B 308 28.72 -2.41 -4.20
N ASN B 309 28.06 -3.55 -4.01
CA ASN B 309 28.00 -4.15 -2.69
C ASN B 309 29.01 -5.28 -2.52
N ASP B 310 30.12 -4.98 -1.84
CA ASP B 310 31.17 -5.97 -1.63
C ASP B 310 31.17 -6.53 -0.21
N SER B 311 30.03 -6.42 0.47
CA SER B 311 29.93 -6.92 1.84
C SER B 311 29.62 -8.42 1.85
N PRO B 312 30.34 -9.21 2.67
CA PRO B 312 30.08 -10.64 2.72
C PRO B 312 28.65 -10.85 3.21
N LEU B 313 27.88 -11.63 2.45
CA LEU B 313 26.49 -11.89 2.80
C LEU B 313 26.37 -13.03 3.80
N PRO B 314 25.74 -12.76 4.97
CA PRO B 314 25.56 -13.78 6.01
C PRO B 314 24.47 -14.78 5.69
N GLU B 315 24.46 -15.88 6.42
CA GLU B 315 23.45 -16.91 6.22
C GLU B 315 22.06 -16.34 6.46
N ASN B 316 21.09 -16.86 5.71
CA ASN B 316 19.70 -16.48 5.81
C ASN B 316 19.23 -15.12 5.29
N VAL B 317 20.04 -14.47 4.46
CA VAL B 317 19.59 -13.24 3.84
C VAL B 317 18.72 -13.87 2.74
N VAL B 318 17.74 -13.13 2.24
CA VAL B 318 16.87 -13.64 1.19
C VAL B 318 16.90 -12.62 0.06
N PHE B 319 17.27 -13.08 -1.13
CA PHE B 319 17.34 -12.17 -2.27
C PHE B 319 17.01 -12.82 -3.60
N THR B 320 16.88 -11.99 -4.63
CA THR B 320 16.56 -12.48 -5.96
C THR B 320 17.83 -12.58 -6.81
N VAL B 321 17.78 -13.45 -7.81
CA VAL B 321 18.89 -13.64 -8.75
C VAL B 321 18.17 -13.58 -10.08
N GLU B 322 18.32 -12.46 -10.78
CA GLU B 322 17.60 -12.28 -12.02
C GLU B 322 18.35 -11.62 -13.16
N PRO B 323 19.28 -12.35 -13.78
CA PRO B 323 20.03 -11.76 -14.89
C PRO B 323 19.09 -11.59 -16.07
N GLY B 324 19.46 -10.72 -17.01
CA GLY B 324 18.61 -10.50 -18.16
C GLY B 324 19.41 -9.97 -19.32
N ILE B 325 18.89 -10.22 -20.52
CA ILE B 325 19.49 -9.74 -21.76
C ILE B 325 18.35 -9.03 -22.48
N TYR B 326 18.57 -7.77 -22.81
CA TYR B 326 17.54 -6.96 -23.47
C TYR B 326 18.02 -6.39 -24.80
N LEU B 327 17.39 -6.87 -25.87
CA LEU B 327 17.72 -6.43 -27.24
C LEU B 327 16.65 -5.47 -27.73
N GLU B 328 16.93 -4.17 -27.62
CA GLU B 328 16.00 -3.13 -28.05
C GLU B 328 15.38 -3.39 -29.42
N GLY B 329 14.07 -3.17 -29.52
CA GLY B 329 13.37 -3.37 -30.77
C GLY B 329 13.11 -4.82 -31.14
N LYS B 330 13.65 -5.74 -30.36
CA LYS B 330 13.46 -7.17 -30.65
C LYS B 330 12.74 -7.86 -29.51
N PHE B 331 13.48 -8.18 -28.45
CA PHE B 331 12.89 -8.85 -27.29
C PHE B 331 13.89 -8.87 -26.15
N GLY B 332 13.42 -9.29 -24.97
CA GLY B 332 14.29 -9.39 -23.82
C GLY B 332 13.94 -10.64 -23.05
N ILE B 333 14.89 -11.15 -22.27
CA ILE B 333 14.68 -12.34 -21.48
C ILE B 333 15.22 -12.13 -20.07
N ARG B 334 14.40 -12.42 -19.07
CA ARG B 334 14.82 -12.33 -17.69
C ARG B 334 14.23 -13.55 -16.97
N ILE B 335 15.03 -14.17 -16.11
CA ILE B 335 14.58 -15.32 -15.34
C ILE B 335 14.98 -15.00 -13.92
N GLU B 336 14.02 -15.05 -13.00
CA GLU B 336 14.28 -14.68 -11.62
C GLU B 336 13.90 -15.71 -10.56
N GLU B 337 14.84 -16.00 -9.67
CA GLU B 337 14.62 -16.94 -8.57
C GLU B 337 14.71 -16.18 -7.27
N ASP B 338 14.11 -16.74 -6.21
CA ASP B 338 14.17 -16.15 -4.87
C ASP B 338 14.96 -17.18 -4.08
N VAL B 339 16.04 -16.75 -3.43
CA VAL B 339 16.88 -17.70 -2.72
C VAL B 339 17.25 -17.27 -1.31
N VAL B 340 17.59 -18.26 -0.50
CA VAL B 340 18.00 -18.05 0.89
C VAL B 340 19.43 -18.54 0.96
N LEU B 341 20.33 -17.71 1.46
CA LEU B 341 21.74 -18.09 1.55
C LEU B 341 21.97 -19.03 2.73
N LYS B 342 22.72 -20.09 2.49
CA LYS B 342 23.01 -21.06 3.55
C LYS B 342 24.52 -21.23 3.69
N GLU B 343 24.92 -22.00 4.69
CA GLU B 343 26.33 -22.22 4.97
C GLU B 343 27.16 -22.77 3.81
N GLN B 344 26.68 -23.83 3.17
CA GLN B 344 27.43 -24.43 2.06
C GLN B 344 26.79 -24.27 0.69
N GLY B 345 25.76 -23.43 0.60
CA GLY B 345 25.11 -23.21 -0.68
C GLY B 345 23.91 -22.30 -0.50
N CYS B 346 22.88 -22.49 -1.31
CA CYS B 346 21.69 -21.67 -1.19
C CYS B 346 20.44 -22.50 -1.41
N GLU B 347 19.36 -22.06 -0.79
CA GLU B 347 18.07 -22.72 -0.91
C GLU B 347 17.23 -21.93 -1.89
N ILE B 348 16.93 -22.52 -3.05
CA ILE B 348 16.12 -21.83 -4.05
C ILE B 348 14.66 -22.09 -3.67
N LEU B 349 13.94 -21.01 -3.36
CA LEU B 349 12.54 -21.12 -2.94
C LEU B 349 11.57 -21.23 -4.10
N THR B 350 11.94 -20.66 -5.24
CA THR B 350 11.09 -20.73 -6.43
C THR B 350 11.25 -22.11 -7.05
N THR B 351 10.13 -22.73 -7.42
CA THR B 351 10.16 -24.08 -8.00
C THR B 351 9.73 -24.19 -9.46
N LEU B 352 9.12 -23.13 -9.99
CA LEU B 352 8.68 -23.15 -11.39
C LEU B 352 9.80 -23.47 -12.35
N PRO B 353 9.52 -24.27 -13.39
CA PRO B 353 10.58 -24.59 -14.35
C PRO B 353 11.08 -23.25 -14.92
N ARG B 354 12.35 -23.20 -15.30
CA ARG B 354 12.91 -21.96 -15.84
C ARG B 354 12.85 -21.92 -17.36
N SER B 355 12.43 -23.02 -17.96
CA SER B 355 12.29 -23.10 -19.41
C SER B 355 11.14 -22.21 -19.84
N ILE B 356 11.11 -21.86 -21.12
CA ILE B 356 10.04 -21.02 -21.64
C ILE B 356 8.75 -21.82 -21.63
N PHE B 357 7.68 -21.21 -21.12
CA PHE B 357 6.37 -21.86 -21.08
C PHE B 357 5.70 -21.61 -22.42
N VAL B 358 5.62 -22.65 -23.23
CA VAL B 358 5.02 -22.55 -24.55
C VAL B 358 3.55 -22.93 -24.46
N VAL B 359 2.69 -22.00 -24.87
CA VAL B 359 1.25 -22.24 -24.82
C VAL B 359 0.61 -22.09 -26.19
#